data_9J7R
#
_entry.id   9J7R
#
_cell.length_a   55.998
_cell.length_b   154.454
_cell.length_c   150.038
_cell.angle_alpha   90.000
_cell.angle_beta   90.000
_cell.angle_gamma   90.000
#
_symmetry.space_group_name_H-M   'C 2 2 21'
#
loop_
_entity.id
_entity.type
_entity.pdbx_description
1 polymer 'Cystathionine gamma-synthase homolog'
2 non-polymer 'N-({3-hydroxy-2-methyl-5-[(phosphonooxy)methyl]pyridin-4-yl}methyl)-L-glutamic acid'
3 water water
#
_entity_poly.entity_id   1
_entity_poly.type   'polypeptide(L)'
_entity_poly.pdbx_seq_one_letter_code
;SMNKKTKLIHGGHTTDDYTGAVTTPIYQTSTYLQDDIGDLRQGYEYSRTANPTRSSVESVIAALENGKHGFAFSSGVAAI
SAVVMLLDKGDHIILNSDVYGGTYRALTKVFTRFGIEVDFVDTTHTDSIVQAIRPTTKMLFIETPSNPLLRVTDIKKSAE
IAKEHGLISVVDNTFMTPYYQNPLDLGIDIVLHSATAYLGGHSDVVAGLVATSDDKLAERLAFISNSTGGILGPQDSYLL
VRGIKTLGLRMEQINRSVIEIIKMLQAHPAVQQVFHPSIESHLNHDVHMAQADGHTGVIAFEVKNTESAKQLIKATSYYT
LAESLGAVESLISVPALMTHASIPADIRAKEGITDGLVRISVGIEDTEDLVDDLKQALDTL
;
_entity_poly.pdbx_strand_id   A,B
#
# COMPACT_ATOMS: atom_id res chain seq x y z
N MET A 2 -8.92 2.99 -19.48
CA MET A 2 -8.73 2.79 -18.05
C MET A 2 -8.61 4.11 -17.31
N ASN A 3 -9.41 4.27 -16.24
CA ASN A 3 -9.26 5.43 -15.38
C ASN A 3 -7.99 5.31 -14.55
N LYS A 4 -7.67 6.38 -13.83
CA LYS A 4 -6.37 6.46 -13.14
C LYS A 4 -6.22 5.36 -12.11
N LYS A 5 -7.27 5.12 -11.31
CA LYS A 5 -7.15 4.13 -10.25
C LYS A 5 -7.09 2.71 -10.79
N THR A 6 -7.68 2.46 -11.96
CA THR A 6 -7.57 1.14 -12.57
C THR A 6 -6.23 0.97 -13.27
N LYS A 7 -5.65 2.06 -13.78
CA LYS A 7 -4.35 1.99 -14.43
C LYS A 7 -3.26 1.61 -13.43
N LEU A 8 -3.33 2.12 -12.20
CA LEU A 8 -2.32 1.83 -11.20
C LEU A 8 -2.31 0.36 -10.81
N ILE A 9 -3.40 -0.36 -11.04
CA ILE A 9 -3.48 -1.77 -10.66
C ILE A 9 -3.07 -2.68 -11.82
N HIS A 10 -3.55 -2.39 -13.02
CA HIS A 10 -3.35 -3.27 -14.17
C HIS A 10 -2.47 -2.67 -15.25
N GLY A 11 -1.93 -1.47 -15.04
CA GLY A 11 -1.01 -0.91 -16.01
C GLY A 11 0.31 -1.65 -16.03
N GLY A 12 0.91 -1.69 -17.21
CA GLY A 12 2.16 -2.43 -17.36
C GLY A 12 1.94 -3.93 -17.21
N HIS A 13 3.04 -4.64 -16.99
CA HIS A 13 3.05 -6.08 -16.83
C HIS A 13 3.51 -6.40 -15.41
N THR A 14 2.55 -6.73 -14.53
CA THR A 14 2.85 -7.00 -13.12
C THR A 14 2.43 -8.41 -12.70
N THR A 15 2.23 -9.31 -13.66
CA THR A 15 1.85 -10.69 -13.37
C THR A 15 2.84 -11.62 -14.05
N ASP A 16 2.75 -12.91 -13.69
CA ASP A 16 3.60 -13.95 -14.27
C ASP A 16 2.79 -14.74 -15.28
N ASP A 17 3.19 -14.69 -16.55
CA ASP A 17 2.49 -15.47 -17.57
C ASP A 17 2.76 -16.96 -17.40
N TYR A 18 3.89 -17.32 -16.79
CA TYR A 18 4.24 -18.72 -16.58
C TYR A 18 3.26 -19.39 -15.62
N THR A 19 3.36 -19.06 -14.33
CA THR A 19 2.54 -19.70 -13.31
C THR A 19 1.16 -19.07 -13.15
N GLY A 20 0.96 -17.86 -13.66
CA GLY A 20 -0.28 -17.14 -13.41
C GLY A 20 -0.28 -16.29 -12.15
N ALA A 21 0.86 -16.17 -11.47
CA ALA A 21 0.95 -15.38 -10.25
C ALA A 21 0.50 -13.94 -10.49
N VAL A 22 -0.37 -13.44 -9.60
CA VAL A 22 -0.96 -12.12 -9.76
C VAL A 22 -0.01 -11.01 -9.33
N THR A 23 1.22 -11.33 -8.93
CA THR A 23 2.23 -10.34 -8.62
C THR A 23 3.53 -10.74 -9.31
N THR A 24 4.39 -9.75 -9.53
CA THR A 24 5.63 -10.01 -10.26
C THR A 24 6.58 -10.84 -9.40
N PRO A 25 7.11 -11.95 -9.90
CA PRO A 25 8.11 -12.70 -9.13
C PRO A 25 9.38 -11.89 -8.96
N ILE A 26 10.01 -12.07 -7.80
CA ILE A 26 11.28 -11.42 -7.50
C ILE A 26 12.38 -12.29 -8.10
N TYR A 27 12.94 -11.85 -9.23
CA TYR A 27 13.99 -12.60 -9.91
C TYR A 27 15.34 -12.21 -9.31
N GLN A 28 15.59 -12.74 -8.11
CA GLN A 28 16.90 -12.61 -7.46
C GLN A 28 17.87 -13.54 -8.19
N THR A 29 18.30 -13.10 -9.37
CA THR A 29 19.17 -13.90 -10.22
C THR A 29 20.10 -12.96 -10.97
N SER A 30 21.18 -13.52 -11.50
CA SER A 30 22.15 -12.75 -12.24
C SER A 30 22.26 -13.15 -13.71
N THR A 31 21.93 -14.39 -14.07
CA THR A 31 22.10 -14.86 -15.43
C THR A 31 21.00 -15.86 -15.75
N TYR A 32 20.91 -16.22 -17.03
CA TYR A 32 19.80 -17.02 -17.53
C TYR A 32 20.32 -18.07 -18.51
N LEU A 33 19.74 -19.27 -18.42
CA LEU A 33 20.11 -20.36 -19.32
C LEU A 33 19.72 -20.04 -20.75
N GLN A 34 20.60 -20.39 -21.68
CA GLN A 34 20.34 -20.26 -23.10
C GLN A 34 20.22 -21.65 -23.72
N ASP A 35 19.11 -21.89 -24.42
CA ASP A 35 18.91 -23.20 -25.04
C ASP A 35 19.93 -23.46 -26.13
N ASP A 36 20.17 -22.47 -27.00
CA ASP A 36 21.24 -22.52 -27.97
C ASP A 36 22.09 -21.26 -27.83
N ILE A 37 23.19 -21.22 -28.58
CA ILE A 37 24.07 -20.05 -28.51
C ILE A 37 23.31 -18.84 -29.01
N GLY A 38 23.14 -17.84 -28.12
CA GLY A 38 22.41 -16.64 -28.45
C GLY A 38 20.90 -16.77 -28.46
N ASP A 39 20.37 -17.97 -28.19
CA ASP A 39 18.92 -18.19 -28.16
C ASP A 39 18.42 -17.92 -26.76
N LEU A 40 17.85 -16.73 -26.54
CA LEU A 40 17.29 -16.38 -25.24
C LEU A 40 15.88 -16.93 -25.13
N ARG A 41 15.58 -17.57 -23.99
CA ARG A 41 14.26 -18.16 -23.79
C ARG A 41 13.18 -17.10 -23.82
N GLN A 42 13.29 -16.08 -22.98
CA GLN A 42 12.33 -14.99 -22.94
C GLN A 42 13.02 -13.63 -23.03
N GLY A 43 14.19 -13.58 -23.66
CA GLY A 43 14.86 -12.31 -23.90
C GLY A 43 15.73 -11.81 -22.78
N TYR A 44 16.14 -12.67 -21.85
CA TYR A 44 17.01 -12.29 -20.75
C TYR A 44 18.31 -13.06 -20.83
N GLU A 45 19.42 -12.36 -20.65
CA GLU A 45 20.75 -12.98 -20.75
C GLU A 45 21.60 -12.61 -19.54
N TYR A 46 21.41 -11.40 -19.02
CA TYR A 46 22.19 -10.91 -17.89
C TYR A 46 21.37 -9.86 -17.15
N SER A 47 21.32 -9.99 -15.82
CA SER A 47 20.39 -9.18 -15.03
C SER A 47 20.71 -7.69 -15.13
N ARG A 48 21.98 -7.33 -15.31
CA ARG A 48 22.32 -5.91 -15.46
C ARG A 48 21.70 -5.34 -16.73
N THR A 49 21.77 -6.08 -17.84
CA THR A 49 21.14 -5.63 -19.07
C THR A 49 19.62 -5.60 -18.94
N ALA A 50 19.04 -6.68 -18.43
CA ALA A 50 17.60 -6.75 -18.25
C ALA A 50 17.28 -7.79 -17.18
N ASN A 51 16.35 -7.44 -16.29
CA ASN A 51 15.89 -8.32 -15.24
C ASN A 51 14.37 -8.28 -15.25
N PRO A 52 13.70 -9.44 -15.21
CA PRO A 52 12.23 -9.45 -15.34
C PRO A 52 11.52 -8.63 -14.27
N THR A 53 12.03 -8.64 -13.03
CA THR A 53 11.41 -7.81 -11.99
C THR A 53 11.63 -6.33 -12.27
N ARG A 54 12.82 -5.96 -12.75
CA ARG A 54 13.07 -4.57 -13.11
C ARG A 54 12.29 -4.18 -14.37
N SER A 55 12.13 -5.11 -15.32
CA SER A 55 11.36 -4.82 -16.51
C SER A 55 9.88 -4.58 -16.17
N SER A 56 9.41 -5.16 -15.07
CA SER A 56 8.02 -4.94 -14.66
C SER A 56 7.81 -3.51 -14.19
N VAL A 57 8.66 -3.03 -13.28
CA VAL A 57 8.49 -1.67 -12.78
C VAL A 57 8.76 -0.65 -13.88
N GLU A 58 9.58 -0.99 -14.86
CA GLU A 58 9.83 -0.06 -15.96
C GLU A 58 8.62 0.05 -16.88
N SER A 59 7.88 -1.05 -17.04
CA SER A 59 6.64 -0.99 -17.82
C SER A 59 5.52 -0.30 -17.06
N VAL A 60 5.59 -0.27 -15.72
CA VAL A 60 4.57 0.43 -14.93
C VAL A 60 4.74 1.94 -15.06
N ILE A 61 5.97 2.44 -14.90
CA ILE A 61 6.18 3.87 -15.00
C ILE A 61 5.99 4.36 -16.43
N ALA A 62 6.29 3.52 -17.41
CA ALA A 62 6.07 3.90 -18.80
C ALA A 62 4.59 4.08 -19.11
N ALA A 63 3.73 3.27 -18.48
CA ALA A 63 2.30 3.39 -18.70
C ALA A 63 1.71 4.55 -17.91
N LEU A 64 2.14 4.73 -16.65
CA LEU A 64 1.59 5.79 -15.82
C LEU A 64 1.91 7.17 -16.36
N GLU A 65 3.02 7.31 -17.09
CA GLU A 65 3.39 8.58 -17.69
C GLU A 65 3.03 8.65 -19.18
N ASN A 66 2.27 7.67 -19.66
CA ASN A 66 1.89 7.58 -21.08
C ASN A 66 3.12 7.59 -21.98
N GLY A 67 4.18 6.92 -21.53
CA GLY A 67 5.40 6.79 -22.29
C GLY A 67 5.51 5.42 -22.95
N LYS A 68 6.58 5.26 -23.73
CA LYS A 68 6.83 4.03 -24.46
C LYS A 68 7.91 3.16 -23.84
N HIS A 69 8.87 3.77 -23.13
CA HIS A 69 9.98 3.03 -22.55
C HIS A 69 10.17 3.46 -21.10
N GLY A 70 10.60 2.51 -20.28
CA GLY A 70 10.84 2.78 -18.87
C GLY A 70 12.23 2.33 -18.46
N PHE A 71 12.76 3.00 -17.44
CA PHE A 71 14.10 2.73 -16.94
C PHE A 71 14.10 2.89 -15.43
N ALA A 72 14.54 1.84 -14.72
CA ALA A 72 14.62 1.86 -13.26
C ALA A 72 16.08 1.94 -12.85
N PHE A 73 16.37 2.87 -11.95
CA PHE A 73 17.74 3.11 -11.48
C PHE A 73 17.81 2.91 -9.97
N SER A 74 19.04 2.84 -9.47
CA SER A 74 19.29 2.56 -8.06
C SER A 74 18.92 3.71 -7.13
N SER A 75 18.66 4.90 -7.67
CA SER A 75 18.26 6.06 -6.87
C SER A 75 17.83 7.16 -7.82
N GLY A 76 17.12 8.15 -7.27
CA GLY A 76 16.72 9.30 -8.07
C GLY A 76 17.90 10.09 -8.60
N VAL A 77 19.00 10.11 -7.85
CA VAL A 77 20.22 10.78 -8.33
C VAL A 77 20.85 9.98 -9.46
N ALA A 78 20.75 8.64 -9.41
CA ALA A 78 21.27 7.83 -10.50
C ALA A 78 20.49 8.04 -11.78
N ALA A 79 19.16 8.17 -11.67
CA ALA A 79 18.34 8.41 -12.85
C ALA A 79 18.68 9.76 -13.48
N ILE A 80 18.98 10.76 -12.65
CA ILE A 80 19.33 12.08 -13.16
C ILE A 80 20.73 12.07 -13.76
N SER A 81 21.64 11.28 -13.19
CA SER A 81 22.98 11.18 -13.74
CA SER A 81 22.99 11.17 -13.75
C SER A 81 22.94 10.64 -15.17
N ALA A 82 22.26 9.51 -15.38
CA ALA A 82 22.18 8.91 -16.70
C ALA A 82 21.60 9.87 -17.72
N VAL A 83 20.64 10.70 -17.31
CA VAL A 83 20.05 11.68 -18.21
C VAL A 83 21.10 12.73 -18.61
N VAL A 84 21.92 13.16 -17.65
CA VAL A 84 22.95 14.16 -17.96
C VAL A 84 24.02 13.55 -18.86
N MET A 85 24.30 12.25 -18.72
CA MET A 85 25.28 11.60 -19.58
C MET A 85 24.82 11.48 -21.03
N LEU A 86 23.61 11.93 -21.34
CA LEU A 86 23.18 12.01 -22.74
C LEU A 86 23.93 13.08 -23.52
N LEU A 87 24.66 13.97 -22.84
CA LEU A 87 25.38 15.07 -23.46
C LEU A 87 26.87 14.80 -23.42
N ASP A 88 27.59 15.49 -24.30
CA ASP A 88 29.03 15.34 -24.45
C ASP A 88 29.75 16.54 -23.83
N LYS A 89 31.08 16.49 -23.91
CA LYS A 89 31.90 17.59 -23.45
C LYS A 89 31.59 18.86 -24.23
N GLY A 90 31.40 19.97 -23.50
CA GLY A 90 31.09 21.24 -24.12
C GLY A 90 29.62 21.58 -24.19
N ASP A 91 28.73 20.60 -24.00
CA ASP A 91 27.31 20.88 -24.02
C ASP A 91 26.90 21.68 -22.79
N HIS A 92 25.75 22.34 -22.90
CA HIS A 92 25.27 23.24 -21.87
C HIS A 92 23.86 22.84 -21.45
N ILE A 93 23.58 22.97 -20.15
CA ILE A 93 22.27 22.62 -19.60
CA ILE A 93 22.28 22.61 -19.57
C ILE A 93 21.70 23.83 -18.89
N ILE A 94 20.37 23.96 -18.96
CA ILE A 94 19.63 25.00 -18.25
C ILE A 94 18.73 24.33 -17.24
N LEU A 95 18.85 24.76 -15.98
CA LEU A 95 18.04 24.23 -14.89
C LEU A 95 17.38 25.37 -14.15
N ASN A 96 16.37 25.05 -13.34
CA ASN A 96 15.74 26.09 -12.54
C ASN A 96 16.65 26.40 -11.36
N SER A 97 16.65 27.67 -10.95
CA SER A 97 17.54 28.12 -9.88
C SER A 97 17.26 27.43 -8.55
N ASP A 98 16.09 26.83 -8.39
CA ASP A 98 15.66 26.22 -7.14
C ASP A 98 15.63 24.69 -7.24
N VAL A 99 16.60 24.13 -7.97
CA VAL A 99 16.67 22.68 -8.08
C VAL A 99 16.95 22.06 -6.71
N TYR A 100 16.69 20.77 -6.60
CA TYR A 100 17.03 20.02 -5.40
C TYR A 100 18.55 20.00 -5.21
N GLY A 101 18.97 19.95 -3.95
CA GLY A 101 20.38 20.12 -3.63
C GLY A 101 21.28 19.09 -4.31
N GLY A 102 20.85 17.82 -4.30
CA GLY A 102 21.67 16.78 -4.91
C GLY A 102 21.84 16.96 -6.41
N THR A 103 20.84 17.55 -7.07
CA THR A 103 21.00 17.91 -8.48
C THR A 103 22.01 19.02 -8.65
N TYR A 104 21.97 20.02 -7.77
CA TYR A 104 22.97 21.08 -7.80
C TYR A 104 24.36 20.52 -7.56
N ARG A 105 24.50 19.57 -6.64
CA ARG A 105 25.80 18.99 -6.34
C ARG A 105 26.37 18.24 -7.54
N ALA A 106 25.58 17.31 -8.09
CA ALA A 106 26.10 16.44 -9.15
C ALA A 106 26.50 17.25 -10.38
N LEU A 107 25.72 18.28 -10.71
CA LEU A 107 25.99 19.02 -11.94
C LEU A 107 27.12 20.03 -11.77
N THR A 108 27.25 20.63 -10.59
CA THR A 108 28.27 21.64 -10.37
C THR A 108 29.58 21.08 -9.84
N LYS A 109 29.57 19.88 -9.26
CA LYS A 109 30.78 19.29 -8.70
C LYS A 109 31.31 18.08 -9.45
N VAL A 110 30.45 17.36 -10.16
CA VAL A 110 30.85 16.16 -10.91
C VAL A 110 30.87 16.43 -12.42
N PHE A 111 29.74 16.86 -12.98
CA PHE A 111 29.63 16.98 -14.42
C PHE A 111 30.31 18.23 -14.97
N THR A 112 30.55 19.24 -14.14
CA THR A 112 31.36 20.37 -14.59
C THR A 112 32.81 19.93 -14.83
N ARG A 113 33.29 18.97 -14.05
CA ARG A 113 34.61 18.37 -14.29
C ARG A 113 34.64 17.56 -15.58
N PHE A 114 33.48 17.32 -16.21
CA PHE A 114 33.40 16.59 -17.46
C PHE A 114 33.07 17.50 -18.64
N GLY A 115 33.33 18.80 -18.51
CA GLY A 115 33.08 19.74 -19.57
C GLY A 115 31.65 20.21 -19.71
N ILE A 116 30.71 19.57 -19.00
CA ILE A 116 29.31 19.99 -19.08
C ILE A 116 29.14 21.29 -18.32
N GLU A 117 28.77 22.35 -19.03
CA GLU A 117 28.56 23.66 -18.43
C GLU A 117 27.11 23.80 -18.00
N VAL A 118 26.90 24.31 -16.79
CA VAL A 118 25.56 24.45 -16.23
C VAL A 118 25.27 25.91 -15.97
N ASP A 119 23.99 26.26 -16.00
CA ASP A 119 23.54 27.62 -15.69
C ASP A 119 22.13 27.53 -15.11
N PHE A 120 21.97 27.97 -13.86
CA PHE A 120 20.69 27.88 -13.18
C PHE A 120 19.92 29.17 -13.43
N VAL A 121 18.65 29.02 -13.83
CA VAL A 121 17.84 30.13 -14.33
C VAL A 121 16.50 30.12 -13.60
N ASP A 122 16.02 31.31 -13.25
CA ASP A 122 14.68 31.45 -12.66
C ASP A 122 13.64 31.11 -13.72
N THR A 123 13.24 29.85 -13.79
CA THR A 123 12.35 29.38 -14.85
C THR A 123 10.89 29.78 -14.61
N THR A 124 10.57 30.41 -13.49
CA THR A 124 9.19 30.84 -13.25
C THR A 124 8.74 31.91 -14.24
N HIS A 125 9.68 32.56 -14.93
CA HIS A 125 9.39 33.46 -16.04
C HIS A 125 10.03 32.86 -17.29
N THR A 126 9.18 32.39 -18.21
CA THR A 126 9.65 31.66 -19.38
C THR A 126 10.60 32.49 -20.24
N ASP A 127 10.54 33.82 -20.15
CA ASP A 127 11.43 34.65 -20.95
C ASP A 127 12.89 34.44 -20.59
N SER A 128 13.16 34.09 -19.32
CA SER A 128 14.54 33.85 -18.89
C SER A 128 15.12 32.56 -19.42
N ILE A 129 14.29 31.65 -19.94
CA ILE A 129 14.81 30.43 -20.54
C ILE A 129 15.28 30.69 -21.97
N VAL A 130 14.54 31.51 -22.72
CA VAL A 130 14.90 31.80 -24.11
C VAL A 130 16.28 32.46 -24.19
N GLN A 131 16.51 33.46 -23.33
CA GLN A 131 17.71 34.28 -23.46
C GLN A 131 18.97 33.50 -23.10
N ALA A 132 18.88 32.56 -22.17
CA ALA A 132 20.07 31.84 -21.71
C ALA A 132 20.52 30.74 -22.67
N ILE A 133 19.73 30.44 -23.71
CA ILE A 133 20.05 29.34 -24.61
C ILE A 133 21.29 29.72 -25.42
N ARG A 134 22.42 29.09 -25.10
CA ARG A 134 23.66 29.29 -25.83
C ARG A 134 23.67 28.40 -27.07
N PRO A 135 24.58 28.66 -28.02
CA PRO A 135 24.69 27.74 -29.17
C PRO A 135 25.05 26.32 -28.78
N THR A 136 25.71 26.13 -27.63
CA THR A 136 26.07 24.81 -27.14
C THR A 136 25.02 24.24 -26.18
N THR A 137 23.88 24.92 -26.02
CA THR A 137 22.87 24.46 -25.09
C THR A 137 22.15 23.25 -25.68
N LYS A 138 22.07 22.16 -24.91
CA LYS A 138 21.52 20.91 -25.41
C LYS A 138 20.46 20.29 -24.52
N MET A 139 20.12 20.90 -23.38
CA MET A 139 19.18 20.28 -22.46
C MET A 139 18.46 21.35 -21.64
N LEU A 140 17.21 21.05 -21.29
CA LEU A 140 16.41 21.88 -20.40
C LEU A 140 15.84 20.98 -19.31
N PHE A 141 16.28 21.21 -18.08
CA PHE A 141 15.89 20.40 -16.92
C PHE A 141 15.11 21.28 -15.96
N ILE A 142 13.88 20.86 -15.62
CA ILE A 142 13.01 21.66 -14.78
CA ILE A 142 13.00 21.67 -14.79
C ILE A 142 12.27 20.75 -13.81
N GLU A 143 12.23 21.15 -12.54
CA GLU A 143 11.38 20.52 -11.53
C GLU A 143 10.22 21.46 -11.22
N THR A 144 9.03 20.90 -11.10
CA THR A 144 7.87 21.71 -10.75
C THR A 144 6.81 20.87 -10.05
N PRO A 145 6.43 21.24 -8.82
CA PRO A 145 6.96 22.36 -8.03
C PRO A 145 8.32 22.04 -7.45
N SER A 146 9.13 23.04 -7.12
CA SER A 146 10.51 22.83 -6.72
C SER A 146 10.62 22.55 -5.22
N ASN A 147 11.86 22.34 -4.77
CA ASN A 147 12.18 22.03 -3.39
C ASN A 147 13.04 23.14 -2.82
N PRO A 148 12.68 23.71 -1.65
CA PRO A 148 11.49 23.45 -0.85
C PRO A 148 10.44 24.55 -0.94
N LEU A 149 10.56 25.51 -1.86
CA LEU A 149 9.61 26.63 -1.91
C LEU A 149 8.48 26.41 -2.91
N LEU A 150 8.47 25.27 -3.61
CA LEU A 150 7.37 24.89 -4.51
C LEU A 150 7.12 25.95 -5.58
N ARG A 151 8.17 26.32 -6.31
CA ARG A 151 8.02 27.26 -7.42
C ARG A 151 7.55 26.51 -8.65
N VAL A 152 6.54 27.06 -9.32
CA VAL A 152 5.89 26.40 -10.46
C VAL A 152 6.49 26.94 -11.75
N THR A 153 6.91 26.02 -12.62
CA THR A 153 7.43 26.37 -13.94
C THR A 153 6.46 25.87 -15.00
N ASP A 154 6.21 26.70 -16.01
CA ASP A 154 5.30 26.34 -17.10
C ASP A 154 5.93 25.20 -17.91
N ILE A 155 5.32 24.01 -17.83
CA ILE A 155 5.86 22.85 -18.52
C ILE A 155 5.62 22.96 -20.02
N LYS A 156 4.39 23.31 -20.41
CA LYS A 156 4.04 23.37 -21.83
C LYS A 156 4.91 24.38 -22.56
N LYS A 157 5.03 25.59 -22.03
CA LYS A 157 5.86 26.61 -22.65
C LYS A 157 7.32 26.19 -22.69
N SER A 158 7.80 25.52 -21.63
CA SER A 158 9.17 25.03 -21.62
C SER A 158 9.38 23.96 -22.68
N ALA A 159 8.35 23.16 -22.96
CA ALA A 159 8.46 22.15 -24.01
C ALA A 159 8.55 22.80 -25.39
N GLU A 160 7.65 23.75 -25.67
CA GLU A 160 7.72 24.47 -26.94
C GLU A 160 9.04 25.19 -27.10
N ILE A 161 9.58 25.73 -26.01
CA ILE A 161 10.87 26.41 -26.05
C ILE A 161 11.97 25.42 -26.42
N ALA A 162 12.00 24.29 -25.71
CA ALA A 162 13.02 23.28 -25.97
C ALA A 162 12.89 22.71 -27.38
N LYS A 163 11.67 22.59 -27.89
CA LYS A 163 11.48 22.10 -29.25
C LYS A 163 12.01 23.10 -30.26
N GLU A 164 11.65 24.37 -30.10
CA GLU A 164 12.05 25.39 -31.08
C GLU A 164 13.56 25.55 -31.15
N HIS A 165 14.23 25.49 -30.00
CA HIS A 165 15.68 25.66 -29.95
C HIS A 165 16.43 24.35 -29.98
N GLY A 166 15.74 23.23 -30.23
CA GLY A 166 16.38 21.94 -30.33
C GLY A 166 17.01 21.46 -29.04
N LEU A 167 16.20 21.30 -28.01
CA LEU A 167 16.68 20.94 -26.68
C LEU A 167 15.97 19.68 -26.20
N ILE A 168 16.70 18.84 -25.48
CA ILE A 168 16.12 17.68 -24.82
C ILE A 168 15.46 18.17 -23.53
N SER A 169 14.14 18.11 -23.47
CA SER A 169 13.39 18.60 -22.32
C SER A 169 13.26 17.48 -21.29
N VAL A 170 13.68 17.77 -20.06
CA VAL A 170 13.57 16.85 -18.94
C VAL A 170 12.80 17.52 -17.82
N VAL A 171 11.95 16.76 -17.14
CA VAL A 171 11.14 17.27 -16.03
C VAL A 171 11.27 16.32 -14.86
N ASP A 172 11.68 16.86 -13.70
CA ASP A 172 11.72 16.09 -12.46
C ASP A 172 10.32 16.13 -11.86
N ASN A 173 9.55 15.06 -12.09
CA ASN A 173 8.15 15.00 -11.69
C ASN A 173 7.96 14.27 -10.36
N THR A 174 8.93 14.38 -9.46
CA THR A 174 8.86 13.64 -8.20
C THR A 174 7.72 14.15 -7.31
N PHE A 175 7.61 15.47 -7.17
CA PHE A 175 6.66 16.04 -6.23
C PHE A 175 5.22 15.80 -6.66
N MET A 176 4.95 15.86 -7.97
CA MET A 176 3.59 15.76 -8.47
C MET A 176 3.14 14.34 -8.74
N THR A 177 4.08 13.41 -9.00
CA THR A 177 3.84 12.00 -9.31
C THR A 177 3.08 11.86 -10.63
N PRO A 178 3.09 10.68 -11.26
CA PRO A 178 2.29 10.50 -12.48
C PRO A 178 0.78 10.57 -12.26
N TYR A 179 0.32 10.56 -11.01
CA TYR A 179 -1.11 10.58 -10.74
C TYR A 179 -1.72 11.96 -10.97
N TYR A 180 -0.93 13.03 -10.83
CA TYR A 180 -1.43 14.38 -10.99
C TYR A 180 -0.78 15.17 -12.11
N GLN A 181 0.34 14.70 -12.66
CA GLN A 181 1.07 15.45 -13.67
C GLN A 181 1.75 14.48 -14.62
N ASN A 182 1.63 14.73 -15.92
CA ASN A 182 2.24 13.90 -16.95
C ASN A 182 3.00 14.80 -17.91
N PRO A 183 4.28 15.06 -17.62
CA PRO A 183 5.06 15.97 -18.49
C PRO A 183 5.18 15.48 -19.92
N LEU A 184 5.20 14.17 -20.15
CA LEU A 184 5.28 13.65 -21.52
C LEU A 184 4.07 14.09 -22.34
N ASP A 185 2.90 14.12 -21.73
CA ASP A 185 1.69 14.56 -22.42
C ASP A 185 1.74 16.04 -22.78
N LEU A 186 2.66 16.81 -22.21
CA LEU A 186 2.79 18.23 -22.48
C LEU A 186 3.95 18.55 -23.43
N GLY A 187 4.49 17.52 -24.09
CA GLY A 187 5.54 17.70 -25.07
C GLY A 187 6.95 17.45 -24.55
N ILE A 188 7.11 17.22 -23.25
CA ILE A 188 8.43 16.98 -22.69
C ILE A 188 9.00 15.67 -23.24
N ASP A 189 10.31 15.66 -23.47
CA ASP A 189 10.95 14.48 -24.03
C ASP A 189 11.12 13.39 -22.99
N ILE A 190 11.73 13.71 -21.85
CA ILE A 190 12.08 12.73 -20.82
C ILE A 190 11.50 13.18 -19.49
N VAL A 191 10.89 12.24 -18.77
CA VAL A 191 10.40 12.48 -17.42
C VAL A 191 11.07 11.48 -16.48
N LEU A 192 11.46 11.96 -15.30
CA LEU A 192 12.11 11.11 -14.31
C LEU A 192 11.48 11.38 -12.94
N HIS A 193 11.70 10.43 -12.03
CA HIS A 193 11.14 10.50 -10.69
C HIS A 193 12.16 10.03 -9.68
N SER A 194 12.13 10.62 -8.49
CA SER A 194 12.80 10.09 -7.32
C SER A 194 11.83 9.11 -6.68
N ALA A 195 11.90 7.85 -7.11
CA ALA A 195 10.96 6.82 -6.63
C ALA A 195 11.05 6.60 -5.13
N THR A 196 12.07 7.14 -4.45
CA THR A 196 12.16 7.06 -3.00
C THR A 196 11.02 7.78 -2.32
N ALA A 197 10.39 8.72 -3.01
CA ALA A 197 9.43 9.62 -2.42
C ALA A 197 8.01 9.05 -2.40
N TYR A 198 7.25 9.29 -3.46
CA TYR A 198 5.83 8.96 -3.48
C TYR A 198 5.54 7.60 -4.10
N LEU A 199 6.22 7.24 -5.19
CA LEU A 199 5.91 6.01 -5.90
C LEU A 199 6.11 4.79 -5.01
N GLY A 200 7.25 4.72 -4.31
CA GLY A 200 7.39 3.72 -3.27
C GLY A 200 6.41 3.95 -2.14
N GLY A 201 6.37 5.18 -1.61
CA GLY A 201 5.34 5.60 -0.69
C GLY A 201 5.46 5.10 0.73
N HIS A 202 6.40 4.20 1.03
CA HIS A 202 6.46 3.59 2.35
C HIS A 202 7.83 3.72 3.00
N SER A 203 8.69 4.60 2.48
CA SER A 203 9.99 4.91 3.09
C SER A 203 10.88 3.68 3.19
N ASP A 204 10.86 2.84 2.15
CA ASP A 204 11.63 1.60 2.22
C ASP A 204 12.32 1.25 0.91
N VAL A 205 12.31 2.12 -0.08
CA VAL A 205 12.97 1.88 -1.36
C VAL A 205 13.67 3.16 -1.79
N VAL A 206 14.95 3.05 -2.11
CA VAL A 206 15.70 4.14 -2.74
C VAL A 206 15.84 3.78 -4.21
N ALA A 207 15.17 4.55 -5.07
CA ALA A 207 15.09 4.18 -6.47
C ALA A 207 14.83 5.42 -7.31
N GLY A 208 15.08 5.28 -8.61
CA GLY A 208 14.73 6.31 -9.57
C GLY A 208 14.12 5.66 -10.80
N LEU A 209 13.23 6.40 -11.44
CA LEU A 209 12.54 5.93 -12.64
C LEU A 209 12.64 6.98 -13.73
N VAL A 210 12.69 6.51 -14.98
CA VAL A 210 12.77 7.37 -16.16
C VAL A 210 11.83 6.82 -17.22
N ALA A 211 11.04 7.71 -17.83
CA ALA A 211 10.11 7.32 -18.88
C ALA A 211 10.24 8.30 -20.05
N THR A 212 10.04 7.77 -21.26
CA THR A 212 10.12 8.59 -22.46
C THR A 212 9.40 7.89 -23.59
N SER A 213 8.86 8.69 -24.51
CA SER A 213 8.22 8.18 -25.72
C SER A 213 9.17 8.21 -26.92
N ASP A 214 10.38 8.73 -26.76
CA ASP A 214 11.36 8.81 -27.84
C ASP A 214 12.14 7.51 -27.90
N ASP A 215 12.18 6.90 -29.09
CA ASP A 215 12.93 5.66 -29.27
C ASP A 215 14.44 5.91 -29.21
N LYS A 216 14.90 7.01 -29.82
CA LYS A 216 16.32 7.35 -29.76
C LYS A 216 16.78 7.52 -28.32
N LEU A 217 16.19 8.49 -27.60
CA LEU A 217 16.61 8.77 -26.23
C LEU A 217 16.50 7.54 -25.34
N ALA A 218 15.55 6.65 -25.62
CA ALA A 218 15.47 5.40 -24.87
C ALA A 218 16.61 4.47 -25.23
N GLU A 219 16.97 4.40 -26.52
CA GLU A 219 18.12 3.58 -26.92
C GLU A 219 19.40 4.11 -26.30
N ARG A 220 19.58 5.44 -26.31
CA ARG A 220 20.76 6.02 -25.68
C ARG A 220 20.73 5.86 -24.17
N LEU A 221 19.54 5.85 -23.57
CA LEU A 221 19.44 5.66 -22.12
C LEU A 221 19.67 4.21 -21.74
N ALA A 222 19.19 3.27 -22.56
CA ALA A 222 19.45 1.86 -22.28
C ALA A 222 20.93 1.55 -22.37
N PHE A 223 21.63 2.19 -23.31
CA PHE A 223 23.08 1.99 -23.41
C PHE A 223 23.80 2.59 -22.22
N ILE A 224 23.37 3.78 -21.77
CA ILE A 224 24.00 4.40 -20.61
C ILE A 224 23.78 3.55 -19.36
N SER A 225 22.56 3.05 -19.16
CA SER A 225 22.26 2.25 -17.98
C SER A 225 23.11 0.97 -17.97
N ASN A 226 23.21 0.30 -19.11
CA ASN A 226 24.02 -0.92 -19.18
C ASN A 226 25.51 -0.60 -19.08
N SER A 227 25.94 0.54 -19.59
CA SER A 227 27.35 0.90 -19.58
C SER A 227 27.79 1.63 -18.32
N THR A 228 26.84 2.05 -17.48
CA THR A 228 27.19 2.64 -16.19
C THR A 228 26.65 1.85 -15.01
N GLY A 229 25.70 0.96 -15.21
CA GLY A 229 25.29 0.01 -14.18
C GLY A 229 24.62 0.61 -12.96
N GLY A 230 23.92 1.72 -13.10
CA GLY A 230 23.17 2.27 -12.00
C GLY A 230 21.79 1.65 -11.89
N ILE A 231 21.71 0.33 -12.05
CA ILE A 231 20.43 -0.35 -12.17
C ILE A 231 19.83 -0.58 -10.78
N LEU A 232 18.51 -0.74 -10.76
CA LEU A 232 17.76 -1.03 -9.54
C LEU A 232 17.68 -2.54 -9.34
N GLY A 233 17.83 -2.95 -8.08
CA GLY A 233 17.78 -4.35 -7.73
C GLY A 233 16.39 -4.95 -7.93
N PRO A 234 16.31 -6.28 -7.96
CA PRO A 234 15.00 -6.92 -8.14
C PRO A 234 14.10 -6.78 -6.93
N GLN A 235 14.65 -6.87 -5.72
CA GLN A 235 13.83 -6.72 -4.51
C GLN A 235 13.26 -5.32 -4.41
N ASP A 236 14.10 -4.30 -4.63
CA ASP A 236 13.61 -2.93 -4.61
C ASP A 236 12.64 -2.67 -5.75
N SER A 237 12.83 -3.34 -6.89
CA SER A 237 11.92 -3.18 -8.02
C SER A 237 10.52 -3.68 -7.67
N TYR A 238 10.43 -4.78 -6.93
CA TYR A 238 9.12 -5.32 -6.56
C TYR A 238 8.41 -4.42 -5.57
N LEU A 239 9.11 -4.01 -4.50
CA LEU A 239 8.52 -3.12 -3.52
C LEU A 239 8.08 -1.81 -4.15
N LEU A 240 8.77 -1.38 -5.21
CA LEU A 240 8.33 -0.20 -5.94
C LEU A 240 7.00 -0.47 -6.65
N VAL A 241 6.89 -1.62 -7.31
CA VAL A 241 5.63 -2.00 -7.95
C VAL A 241 4.52 -2.12 -6.92
N ARG A 242 4.82 -2.74 -5.77
CA ARG A 242 3.81 -2.93 -4.74
C ARG A 242 3.30 -1.60 -4.20
N GLY A 243 4.20 -0.66 -3.94
CA GLY A 243 3.79 0.64 -3.42
C GLY A 243 3.04 1.48 -4.43
N ILE A 244 3.40 1.37 -5.70
CA ILE A 244 2.73 2.14 -6.75
C ILE A 244 1.26 1.75 -6.86
N LYS A 245 0.92 0.52 -6.46
CA LYS A 245 -0.47 0.05 -6.55
C LYS A 245 -1.42 0.97 -5.80
N THR A 246 -0.99 1.49 -4.64
CA THR A 246 -1.84 2.36 -3.82
C THR A 246 -1.51 3.84 -4.01
N LEU A 247 -0.81 4.19 -5.08
CA LEU A 247 -0.42 5.59 -5.29
C LEU A 247 -1.63 6.51 -5.34
N GLY A 248 -2.67 6.11 -6.08
CA GLY A 248 -3.84 6.96 -6.22
C GLY A 248 -4.56 7.20 -4.91
N LEU A 249 -4.78 6.13 -4.15
CA LEU A 249 -5.46 6.27 -2.86
C LEU A 249 -4.63 7.10 -1.89
N ARG A 250 -3.30 6.96 -1.95
CA ARG A 250 -2.45 7.70 -1.02
C ARG A 250 -2.43 9.19 -1.36
N MET A 251 -2.30 9.54 -2.64
CA MET A 251 -2.26 10.95 -3.01
C MET A 251 -3.57 11.66 -2.72
N GLU A 252 -4.70 10.96 -2.86
CA GLU A 252 -5.99 11.61 -2.58
C GLU A 252 -6.16 11.90 -1.09
N GLN A 253 -5.72 10.98 -0.23
CA GLN A 253 -5.75 11.25 1.20
C GLN A 253 -4.79 12.38 1.55
N ILE A 254 -3.60 12.38 0.95
CA ILE A 254 -2.64 13.47 1.19
C ILE A 254 -3.21 14.79 0.71
N ASN A 255 -3.88 14.78 -0.45
CA ASN A 255 -4.45 16.01 -0.98
C ASN A 255 -5.55 16.56 -0.07
N ARG A 256 -6.36 15.68 0.51
CA ARG A 256 -7.40 16.13 1.43
C ARG A 256 -6.81 16.80 2.66
N SER A 257 -5.74 16.22 3.20
CA SER A 257 -5.11 16.81 4.38
C SER A 257 -4.38 18.10 4.04
N VAL A 258 -3.76 18.15 2.86
CA VAL A 258 -3.02 19.34 2.45
C VAL A 258 -3.92 20.57 2.44
N ILE A 259 -5.15 20.40 1.95
CA ILE A 259 -6.10 21.52 1.90
C ILE A 259 -6.38 22.04 3.31
N GLU A 260 -6.66 21.12 4.25
CA GLU A 260 -7.02 21.54 5.59
C GLU A 260 -5.81 22.09 6.36
N ILE A 261 -4.64 21.49 6.15
CA ILE A 261 -3.45 21.96 6.84
C ILE A 261 -3.09 23.38 6.41
N ILE A 262 -3.20 23.67 5.11
CA ILE A 262 -2.88 25.01 4.62
C ILE A 262 -3.83 26.04 5.22
N LYS A 263 -5.14 25.75 5.20
CA LYS A 263 -6.12 26.64 5.81
C LYS A 263 -5.75 26.97 7.25
N MET A 264 -5.22 25.99 7.98
CA MET A 264 -4.77 26.22 9.35
C MET A 264 -3.52 27.10 9.38
N LEU A 265 -2.59 26.87 8.46
CA LEU A 265 -1.32 27.60 8.49
C LEU A 265 -1.50 29.06 8.12
N GLN A 266 -2.41 29.38 7.20
CA GLN A 266 -2.62 30.77 6.80
C GLN A 266 -3.28 31.59 7.89
N ALA A 267 -4.00 30.96 8.81
CA ALA A 267 -4.70 31.67 9.87
C ALA A 267 -3.94 31.67 11.19
N HIS A 268 -2.80 30.99 11.25
CA HIS A 268 -2.11 31.01 12.54
C HIS A 268 -1.22 32.25 12.65
N PRO A 269 -1.18 32.89 13.83
CA PRO A 269 -0.36 34.11 13.97
C PRO A 269 1.14 33.83 14.03
N ALA A 270 1.55 32.61 14.34
CA ALA A 270 2.97 32.26 14.42
C ALA A 270 3.52 31.75 13.10
N VAL A 271 2.74 31.80 12.02
CA VAL A 271 3.15 31.28 10.72
C VAL A 271 3.05 32.41 9.72
N GLN A 272 4.20 32.84 9.20
CA GLN A 272 4.25 33.74 8.07
C GLN A 272 4.67 32.98 6.82
N GLN A 273 4.20 33.44 5.66
CA GLN A 273 4.65 32.93 4.38
C GLN A 273 4.45 31.42 4.23
N VAL A 274 3.25 31.00 3.85
CA VAL A 274 2.99 29.61 3.49
C VAL A 274 3.23 29.45 2.00
N PHE A 275 3.95 28.39 1.63
CA PHE A 275 4.34 28.15 0.24
C PHE A 275 3.73 26.85 -0.24
N HIS A 276 2.88 26.93 -1.27
CA HIS A 276 2.26 25.78 -1.90
C HIS A 276 1.55 26.24 -3.18
N PRO A 277 1.57 25.45 -4.26
CA PRO A 277 0.92 25.88 -5.50
C PRO A 277 -0.59 26.03 -5.39
N SER A 278 -1.22 25.52 -4.33
CA SER A 278 -2.67 25.63 -4.20
C SER A 278 -3.12 27.00 -3.71
N ILE A 279 -2.22 27.78 -3.12
CA ILE A 279 -2.58 29.11 -2.64
C ILE A 279 -2.79 30.04 -3.83
N GLU A 280 -3.82 30.88 -3.75
CA GLU A 280 -4.16 31.76 -4.86
C GLU A 280 -3.04 32.76 -5.15
N SER A 281 -2.49 33.38 -4.11
CA SER A 281 -1.44 34.36 -4.27
C SER A 281 -0.11 33.75 -4.69
N HIS A 282 -0.03 32.42 -4.79
CA HIS A 282 1.22 31.77 -5.19
C HIS A 282 1.56 32.14 -6.63
N LEU A 283 2.83 32.45 -6.86
CA LEU A 283 3.28 32.76 -8.21
C LEU A 283 3.08 31.56 -9.12
N ASN A 284 2.57 31.82 -10.32
CA ASN A 284 2.28 30.78 -11.33
C ASN A 284 1.26 29.78 -10.82
N HIS A 285 0.36 30.21 -9.93
CA HIS A 285 -0.65 29.32 -9.38
C HIS A 285 -1.55 28.77 -10.49
N ASP A 286 -2.04 29.65 -11.37
CA ASP A 286 -2.94 29.22 -12.42
C ASP A 286 -2.23 28.32 -13.44
N VAL A 287 -0.91 28.48 -13.60
CA VAL A 287 -0.17 27.62 -14.50
C VAL A 287 -0.13 26.19 -13.98
N HIS A 288 0.03 26.03 -12.66
CA HIS A 288 0.06 24.70 -12.08
C HIS A 288 -1.24 23.95 -12.29
N MET A 289 -2.38 24.64 -12.11
CA MET A 289 -3.68 23.99 -12.29
C MET A 289 -3.93 23.64 -13.74
N ALA A 290 -3.34 24.38 -14.68
CA ALA A 290 -3.51 24.05 -16.10
C ALA A 290 -2.72 22.83 -16.51
N GLN A 291 -1.66 22.49 -15.78
CA GLN A 291 -0.81 21.36 -16.12
C GLN A 291 -0.93 20.22 -15.12
N ALA A 292 -1.76 20.35 -14.09
CA ALA A 292 -1.89 19.32 -13.08
C ALA A 292 -3.30 19.34 -12.51
N ASP A 293 -3.85 18.15 -12.24
CA ASP A 293 -5.17 18.02 -11.65
C ASP A 293 -5.11 17.62 -10.17
N GLY A 294 -4.06 18.03 -9.47
CA GLY A 294 -3.91 17.69 -8.08
C GLY A 294 -2.86 18.57 -7.43
N HIS A 295 -2.36 18.09 -6.28
CA HIS A 295 -1.39 18.86 -5.51
C HIS A 295 -0.43 17.91 -4.82
N THR A 296 0.77 18.42 -4.56
CA THR A 296 1.77 17.66 -3.83
C THR A 296 1.55 17.77 -2.33
N GLY A 297 2.14 16.84 -1.59
CA GLY A 297 2.03 16.84 -0.15
C GLY A 297 3.12 17.57 0.60
N VAL A 298 4.06 18.17 -0.12
CA VAL A 298 5.13 18.95 0.49
C VAL A 298 4.64 20.38 0.66
N ILE A 299 4.69 20.88 1.89
CA ILE A 299 4.30 22.25 2.21
C ILE A 299 5.46 22.90 2.96
N ALA A 300 5.68 24.18 2.69
CA ALA A 300 6.73 24.95 3.37
C ALA A 300 6.13 26.22 3.93
N PHE A 301 6.44 26.48 5.21
CA PHE A 301 6.00 27.70 5.89
C PHE A 301 7.15 28.23 6.73
N GLU A 302 7.01 29.48 7.17
CA GLU A 302 8.05 30.17 7.91
C GLU A 302 7.56 30.47 9.32
N VAL A 303 8.41 30.20 10.31
CA VAL A 303 8.15 30.62 11.68
C VAL A 303 9.02 31.84 11.97
N LYS A 304 9.01 32.30 13.24
CA LYS A 304 9.69 33.55 13.56
C LYS A 304 11.20 33.45 13.32
N ASN A 305 11.82 32.39 13.83
CA ASN A 305 13.27 32.23 13.70
C ASN A 305 13.61 30.75 13.84
N THR A 306 14.91 30.45 13.97
CA THR A 306 15.36 29.07 14.00
C THR A 306 14.98 28.37 15.30
N GLU A 307 14.86 29.11 16.40
CA GLU A 307 14.49 28.48 17.66
C GLU A 307 13.02 28.10 17.69
N SER A 308 12.16 28.89 17.05
CA SER A 308 10.74 28.54 16.99
C SER A 308 10.53 27.27 16.16
N ALA A 309 11.33 27.08 15.12
CA ALA A 309 11.22 25.87 14.31
C ALA A 309 11.67 24.64 15.10
N LYS A 310 12.72 24.79 15.91
CA LYS A 310 13.15 23.70 16.78
C LYS A 310 12.07 23.37 17.81
N GLN A 311 11.35 24.38 18.30
CA GLN A 311 10.32 24.14 19.30
C GLN A 311 9.08 23.50 18.65
N LEU A 312 8.73 23.95 17.44
CA LEU A 312 7.57 23.41 16.74
C LEU A 312 7.72 21.91 16.49
N ILE A 313 8.93 21.47 16.17
CA ILE A 313 9.13 20.06 15.83
C ILE A 313 9.03 19.18 17.07
N LYS A 314 9.56 19.64 18.21
CA LYS A 314 9.54 18.81 19.41
C LYS A 314 8.12 18.65 19.94
N ALA A 315 7.27 19.66 19.77
CA ALA A 315 5.92 19.61 20.29
C ALA A 315 5.00 18.71 19.46
N THR A 316 5.36 18.40 18.22
CA THR A 316 4.53 17.53 17.40
C THR A 316 4.61 16.09 17.89
N SER A 317 3.53 15.35 17.65
CA SER A 317 3.45 13.95 18.03
C SER A 317 3.41 13.00 16.85
N TYR A 318 2.89 13.43 15.71
CA TYR A 318 2.72 12.56 14.55
C TYR A 318 3.67 12.86 13.41
N TYR A 319 4.36 14.00 13.44
CA TYR A 319 5.29 14.37 12.38
C TYR A 319 6.67 13.84 12.72
N THR A 320 7.27 13.12 11.78
CA THR A 320 8.56 12.47 11.98
C THR A 320 9.67 13.37 11.45
N LEU A 321 10.60 13.73 12.32
CA LEU A 321 11.76 14.54 11.92
C LEU A 321 12.69 13.65 11.10
N ALA A 322 12.64 13.80 9.78
CA ALA A 322 13.41 12.95 8.88
C ALA A 322 13.64 13.69 7.58
N GLU A 323 14.47 13.10 6.72
CA GLU A 323 15.05 13.78 5.56
C GLU A 323 14.53 13.25 4.22
N SER A 324 13.29 12.80 4.15
CA SER A 324 12.71 12.36 2.89
C SER A 324 11.35 13.03 2.75
N LEU A 325 10.51 12.48 1.87
CA LEU A 325 9.20 13.06 1.59
C LEU A 325 8.35 12.00 0.91
N GLY A 326 7.03 12.25 0.89
CA GLY A 326 6.12 11.35 0.20
C GLY A 326 5.80 10.06 0.92
N ALA A 327 6.05 10.00 2.22
CA ALA A 327 5.86 8.77 2.98
C ALA A 327 4.41 8.67 3.47
N VAL A 328 4.03 7.45 3.85
CA VAL A 328 2.73 7.25 4.51
C VAL A 328 2.72 7.97 5.85
N GLU A 329 3.86 8.01 6.53
CA GLU A 329 4.00 8.79 7.75
C GLU A 329 4.43 10.21 7.39
N SER A 330 3.93 11.18 8.14
CA SER A 330 4.28 12.57 7.87
C SER A 330 5.72 12.85 8.27
N LEU A 331 6.37 13.72 7.51
CA LEU A 331 7.76 14.07 7.74
C LEU A 331 7.89 15.58 7.86
N ILE A 332 8.82 16.01 8.71
CA ILE A 332 9.10 17.42 8.96
C ILE A 332 10.60 17.61 8.94
N SER A 333 11.03 18.80 8.50
CA SER A 333 12.45 19.11 8.43
C SER A 333 12.60 20.61 8.20
N VAL A 334 13.79 21.12 8.54
CA VAL A 334 14.13 22.51 8.28
C VAL A 334 15.29 22.55 7.28
N PRO A 335 15.03 22.97 6.04
CA PRO A 335 16.05 23.08 4.98
C PRO A 335 17.22 23.98 5.36
N LEU A 357 12.38 28.61 8.28
CA LEU A 357 11.57 27.94 7.27
C LEU A 357 11.47 26.45 7.54
N VAL A 358 10.24 25.95 7.62
CA VAL A 358 9.96 24.55 7.92
C VAL A 358 9.32 23.92 6.69
N ARG A 359 9.71 22.68 6.40
CA ARG A 359 9.12 21.90 5.32
C ARG A 359 8.48 20.64 5.91
N ILE A 360 7.25 20.36 5.50
CA ILE A 360 6.52 19.19 5.94
C ILE A 360 6.09 18.37 4.72
N SER A 361 6.15 17.05 4.86
CA SER A 361 5.63 16.12 3.86
C SER A 361 4.42 15.42 4.46
N VAL A 362 3.24 15.76 3.96
CA VAL A 362 2.01 15.26 4.56
C VAL A 362 1.87 13.77 4.28
N GLY A 363 1.64 12.99 5.33
CA GLY A 363 1.40 11.57 5.21
C GLY A 363 -0.06 11.25 4.99
N ILE A 364 -0.44 10.02 5.31
CA ILE A 364 -1.81 9.56 5.12
C ILE A 364 -2.51 9.34 6.46
N GLU A 365 -2.02 9.95 7.54
CA GLU A 365 -2.72 9.90 8.80
C GLU A 365 -4.06 10.62 8.68
N ASP A 366 -4.86 10.54 9.75
CA ASP A 366 -6.15 11.20 9.76
C ASP A 366 -5.96 12.71 9.59
N THR A 367 -6.78 13.30 8.72
CA THR A 367 -6.65 14.72 8.41
C THR A 367 -6.83 15.58 9.65
N GLU A 368 -7.87 15.28 10.45
CA GLU A 368 -8.10 16.04 11.67
C GLU A 368 -6.95 15.92 12.64
N ASP A 369 -6.30 14.75 12.69
CA ASP A 369 -5.17 14.58 13.60
C ASP A 369 -3.95 15.38 13.15
N LEU A 370 -3.68 15.40 11.85
CA LEU A 370 -2.51 16.12 11.35
C LEU A 370 -2.67 17.62 11.52
N VAL A 371 -3.88 18.15 11.28
CA VAL A 371 -4.12 19.58 11.45
C VAL A 371 -4.03 19.96 12.93
N ASP A 372 -4.64 19.15 13.80
CA ASP A 372 -4.64 19.47 15.23
C ASP A 372 -3.25 19.35 15.81
N ASP A 373 -2.49 18.33 15.40
CA ASP A 373 -1.15 18.13 15.96
C ASP A 373 -0.23 19.29 15.60
N LEU A 374 -0.28 19.75 14.35
CA LEU A 374 0.56 20.87 13.95
C LEU A 374 0.06 22.19 14.52
N LYS A 375 -1.25 22.30 14.78
CA LYS A 375 -1.78 23.55 15.33
C LYS A 375 -1.41 23.70 16.80
N GLN A 376 -1.59 22.63 17.59
CA GLN A 376 -1.23 22.70 19.00
C GLN A 376 0.27 22.84 19.20
N ALA A 377 1.09 22.39 18.25
CA ALA A 377 2.53 22.60 18.33
C ALA A 377 2.90 24.04 17.99
N LEU A 378 2.21 24.63 17.03
CA LEU A 378 2.44 26.04 16.70
C LEU A 378 1.91 26.95 17.79
N ASP A 379 0.89 26.51 18.53
CA ASP A 379 0.31 27.31 19.60
C ASP A 379 1.29 27.54 20.75
N THR A 380 2.28 26.65 20.90
CA THR A 380 3.25 26.78 21.99
C THR A 380 4.32 27.82 21.71
N LEU A 381 4.39 28.33 20.48
CA LEU A 381 5.39 29.35 20.13
C LEU A 381 5.06 30.70 20.77
N SER B 1 -6.54 8.03 21.47
CA SER B 1 -6.59 9.43 21.04
C SER B 1 -6.41 9.54 19.53
N MET B 2 -5.73 8.56 18.95
CA MET B 2 -5.51 8.53 17.50
C MET B 2 -6.77 8.07 16.79
N ASN B 3 -7.06 8.69 15.65
CA ASN B 3 -8.12 8.18 14.79
C ASN B 3 -7.63 6.94 14.04
N LYS B 4 -8.55 6.30 13.32
CA LYS B 4 -8.24 5.02 12.69
C LYS B 4 -7.10 5.16 11.69
N LYS B 5 -7.18 6.17 10.81
CA LYS B 5 -6.17 6.32 9.76
C LYS B 5 -4.79 6.64 10.34
N THR B 6 -4.74 7.37 11.46
CA THR B 6 -3.47 7.62 12.12
C THR B 6 -2.98 6.39 12.88
N LYS B 7 -3.91 5.59 13.42
CA LYS B 7 -3.52 4.36 14.10
C LYS B 7 -2.85 3.38 13.15
N LEU B 8 -3.26 3.37 11.89
CA LEU B 8 -2.65 2.46 10.92
C LEU B 8 -1.21 2.82 10.62
N ILE B 9 -0.80 4.06 10.86
CA ILE B 9 0.55 4.52 10.57
C ILE B 9 1.46 4.45 11.79
N HIS B 10 0.96 4.86 12.96
CA HIS B 10 1.78 4.94 14.15
C HIS B 10 1.37 3.95 15.23
N GLY B 11 0.36 3.12 14.98
CA GLY B 11 -0.01 2.11 15.95
C GLY B 11 1.05 1.03 16.07
N GLY B 12 1.27 0.57 17.30
CA GLY B 12 2.32 -0.40 17.55
C GLY B 12 3.69 0.22 17.38
N HIS B 13 4.70 -0.65 17.31
CA HIS B 13 6.09 -0.26 17.14
C HIS B 13 6.58 -0.78 15.79
N THR B 14 6.66 0.11 14.80
CA THR B 14 7.13 -0.25 13.47
C THR B 14 8.37 0.54 13.05
N THR B 15 9.12 1.06 14.02
CA THR B 15 10.35 1.77 13.77
C THR B 15 11.50 1.11 14.51
N ASP B 16 12.73 1.48 14.15
CA ASP B 16 13.93 0.96 14.78
C ASP B 16 14.40 1.98 15.81
N ASP B 17 14.37 1.60 17.09
CA ASP B 17 14.87 2.48 18.13
C ASP B 17 16.38 2.64 18.08
N TYR B 18 17.09 1.69 17.47
CA TYR B 18 18.54 1.75 17.39
C TYR B 18 19.00 2.83 16.42
N THR B 19 18.85 2.58 15.12
CA THR B 19 19.31 3.53 14.10
C THR B 19 18.34 4.68 13.89
N GLY B 20 17.07 4.52 14.28
CA GLY B 20 16.07 5.53 14.02
C GLY B 20 15.25 5.30 12.77
N ALA B 21 15.42 4.15 12.11
CA ALA B 21 14.74 3.90 10.84
C ALA B 21 13.23 3.99 11.00
N VAL B 22 12.58 4.58 9.99
CA VAL B 22 11.14 4.81 10.04
C VAL B 22 10.33 3.58 9.64
N THR B 23 11.00 2.46 9.34
CA THR B 23 10.32 1.20 9.09
C THR B 23 10.99 0.11 9.91
N THR B 24 10.29 -1.01 10.05
CA THR B 24 10.81 -2.13 10.82
C THR B 24 11.92 -2.81 10.04
N PRO B 25 13.11 -2.96 10.62
CA PRO B 25 14.17 -3.72 9.95
C PRO B 25 13.80 -5.20 9.85
N ILE B 26 14.12 -5.79 8.70
CA ILE B 26 13.85 -7.20 8.47
C ILE B 26 14.97 -8.02 9.09
N TYR B 27 14.69 -8.64 10.24
CA TYR B 27 15.69 -9.42 10.97
C TYR B 27 15.71 -10.84 10.42
N GLN B 28 16.36 -11.00 9.27
CA GLN B 28 16.58 -12.31 8.67
C GLN B 28 17.68 -13.01 9.46
N THR B 29 17.31 -13.52 10.63
CA THR B 29 18.24 -14.16 11.55
C THR B 29 17.53 -15.31 12.25
N SER B 30 18.31 -16.12 12.95
CA SER B 30 17.76 -17.26 13.68
C SER B 30 18.07 -17.25 15.17
N THR B 31 19.22 -16.73 15.58
CA THR B 31 19.60 -16.70 16.99
C THR B 31 20.25 -15.36 17.31
N TYR B 32 20.50 -15.13 18.59
CA TYR B 32 20.96 -13.83 19.07
C TYR B 32 22.05 -13.99 20.11
N LEU B 33 23.07 -13.15 20.01
CA LEU B 33 24.18 -13.18 20.96
C LEU B 33 23.70 -12.82 22.36
N GLN B 34 24.28 -13.46 23.37
CA GLN B 34 24.03 -13.15 24.76
C GLN B 34 25.33 -12.69 25.39
N ASP B 35 25.32 -11.48 25.97
CA ASP B 35 26.52 -10.96 26.62
C ASP B 35 26.93 -11.84 27.78
N ASP B 36 26.01 -12.10 28.71
CA ASP B 36 26.19 -13.07 29.77
C ASP B 36 25.15 -14.17 29.61
N ILE B 37 25.44 -15.34 30.18
CA ILE B 37 24.56 -16.49 30.03
C ILE B 37 23.22 -16.17 30.67
N GLY B 38 22.17 -16.12 29.86
CA GLY B 38 20.85 -15.73 30.30
C GLY B 38 20.53 -14.26 30.13
N ASP B 39 21.51 -13.43 29.80
CA ASP B 39 21.31 -12.00 29.62
C ASP B 39 20.99 -11.73 28.15
N LEU B 40 19.77 -11.26 27.89
CA LEU B 40 19.34 -10.90 26.55
C LEU B 40 19.48 -9.40 26.34
N ARG B 41 20.14 -9.01 25.25
CA ARG B 41 20.36 -7.58 24.99
C ARG B 41 19.04 -6.83 24.90
N GLN B 42 18.10 -7.33 24.07
CA GLN B 42 16.80 -6.70 23.93
C GLN B 42 15.66 -7.71 24.08
N GLY B 43 15.91 -8.83 24.74
CA GLY B 43 14.86 -9.81 24.96
C GLY B 43 14.66 -10.82 23.85
N TYR B 44 15.67 -11.07 23.03
CA TYR B 44 15.60 -12.04 21.95
C TYR B 44 16.67 -13.11 22.12
N GLU B 45 16.27 -14.37 21.95
CA GLU B 45 17.17 -15.51 22.06
C GLU B 45 17.04 -16.52 20.93
N TYR B 46 15.90 -16.62 20.24
CA TYR B 46 15.71 -17.56 19.15
C TYR B 46 14.53 -17.09 18.32
N SER B 47 14.71 -17.04 17.00
CA SER B 47 13.72 -16.36 16.16
C SER B 47 12.36 -17.04 16.21
N ARG B 48 12.32 -18.35 16.46
CA ARG B 48 11.04 -19.04 16.58
C ARG B 48 10.25 -18.54 17.78
N THR B 49 10.93 -18.38 18.93
CA THR B 49 10.26 -17.86 20.11
C THR B 49 9.83 -16.42 19.91
N ALA B 50 10.76 -15.56 19.49
CA ALA B 50 10.45 -14.16 19.25
C ALA B 50 11.42 -13.61 18.21
N ASN B 51 10.88 -12.85 17.26
CA ASN B 51 11.67 -12.20 16.23
C ASN B 51 11.28 -10.73 16.19
N PRO B 52 12.26 -9.82 16.11
CA PRO B 52 11.93 -8.39 16.17
C PRO B 52 10.99 -7.93 15.08
N THR B 53 11.14 -8.45 13.85
CA THR B 53 10.25 -8.06 12.77
C THR B 53 8.85 -8.64 12.99
N ARG B 54 8.78 -9.89 13.46
CA ARG B 54 7.48 -10.47 13.77
C ARG B 54 6.83 -9.77 14.96
N SER B 55 7.63 -9.40 15.95
CA SER B 55 7.10 -8.67 17.10
C SER B 55 6.48 -7.34 16.68
N SER B 56 6.97 -6.76 15.59
CA SER B 56 6.39 -5.52 15.09
C SER B 56 4.96 -5.74 14.60
N VAL B 57 4.77 -6.72 13.70
CA VAL B 57 3.43 -6.98 13.18
C VAL B 57 2.52 -7.50 14.27
N GLU B 58 3.07 -8.15 15.29
CA GLU B 58 2.24 -8.64 16.39
C GLU B 58 1.69 -7.46 17.21
N SER B 59 2.51 -6.44 17.44
CA SER B 59 2.04 -5.26 18.14
C SER B 59 1.08 -4.44 17.29
N VAL B 60 1.18 -4.54 15.96
CA VAL B 60 0.27 -3.80 15.08
C VAL B 60 -1.14 -4.34 15.21
N ILE B 61 -1.32 -5.65 15.02
CA ILE B 61 -2.65 -6.24 15.08
C ILE B 61 -3.23 -6.13 16.49
N ALA B 62 -2.37 -6.11 17.52
CA ALA B 62 -2.85 -5.95 18.88
C ALA B 62 -3.40 -4.54 19.10
N ALA B 63 -2.77 -3.53 18.49
CA ALA B 63 -3.25 -2.16 18.63
C ALA B 63 -4.48 -1.91 17.77
N LEU B 64 -4.51 -2.47 16.56
CA LEU B 64 -5.65 -2.25 15.67
C LEU B 64 -6.92 -2.89 16.21
N GLU B 65 -6.80 -3.98 16.97
CA GLU B 65 -7.95 -4.67 17.52
C GLU B 65 -8.21 -4.31 18.99
N ASN B 66 -7.51 -3.30 19.51
CA ASN B 66 -7.64 -2.88 20.91
C ASN B 66 -7.36 -4.04 21.85
N GLY B 67 -6.33 -4.83 21.54
CA GLY B 67 -5.92 -5.94 22.35
C GLY B 67 -4.53 -5.71 22.94
N LYS B 68 -4.15 -6.62 23.84
CA LYS B 68 -2.88 -6.51 24.55
C LYS B 68 -1.78 -7.35 23.91
N HIS B 69 -2.10 -8.51 23.35
CA HIS B 69 -1.09 -9.44 22.85
C HIS B 69 -1.45 -9.86 21.43
N GLY B 70 -0.46 -9.85 20.55
CA GLY B 70 -0.64 -10.24 19.17
C GLY B 70 0.27 -11.40 18.81
N PHE B 71 -0.19 -12.21 17.86
CA PHE B 71 0.57 -13.39 17.42
C PHE B 71 0.46 -13.52 15.92
N ALA B 72 1.60 -13.71 15.26
CA ALA B 72 1.67 -13.87 13.82
C ALA B 72 2.01 -15.33 13.49
N PHE B 73 1.24 -15.92 12.57
CA PHE B 73 1.41 -17.30 12.20
C PHE B 73 1.70 -17.42 10.70
N SER B 74 2.14 -18.61 10.29
CA SER B 74 2.56 -18.82 8.91
C SER B 74 1.42 -18.73 7.91
N SER B 75 0.17 -18.85 8.36
CA SER B 75 -0.99 -18.73 7.49
C SER B 75 -2.22 -18.57 8.36
N GLY B 76 -3.33 -18.19 7.71
CA GLY B 76 -4.59 -18.07 8.43
C GLY B 76 -5.02 -19.37 9.07
N VAL B 77 -4.75 -20.50 8.42
CA VAL B 77 -5.12 -21.79 8.98
C VAL B 77 -4.25 -22.11 10.19
N ALA B 78 -2.97 -21.71 10.15
CA ALA B 78 -2.11 -21.92 11.31
C ALA B 78 -2.61 -21.14 12.52
N ALA B 79 -3.16 -19.94 12.29
CA ALA B 79 -3.75 -19.17 13.38
C ALA B 79 -4.97 -19.87 13.95
N ILE B 80 -5.78 -20.50 13.09
CA ILE B 80 -6.94 -21.23 13.56
C ILE B 80 -6.51 -22.50 14.28
N SER B 81 -5.52 -23.21 13.74
CA SER B 81 -5.03 -24.41 14.40
CA SER B 81 -5.03 -24.42 14.40
C SER B 81 -4.57 -24.11 15.82
N ALA B 82 -3.69 -23.11 15.98
CA ALA B 82 -3.17 -22.76 17.30
C ALA B 82 -4.28 -22.42 18.28
N VAL B 83 -5.36 -21.80 17.81
CA VAL B 83 -6.46 -21.45 18.71
C VAL B 83 -7.24 -22.70 19.09
N VAL B 84 -7.46 -23.60 18.13
CA VAL B 84 -8.16 -24.85 18.43
C VAL B 84 -7.36 -25.71 19.40
N MET B 85 -6.02 -25.61 19.35
CA MET B 85 -5.16 -26.33 20.29
C MET B 85 -5.31 -25.84 21.72
N LEU B 86 -6.05 -24.77 21.95
CA LEU B 86 -6.27 -24.34 23.31
C LEU B 86 -7.10 -25.35 24.10
N LEU B 87 -7.77 -26.25 23.41
CA LEU B 87 -8.69 -27.20 24.03
C LEU B 87 -8.04 -28.57 24.15
N ASP B 88 -8.57 -29.36 25.07
CA ASP B 88 -8.07 -30.70 25.35
C ASP B 88 -8.96 -31.74 24.70
N LYS B 89 -8.44 -32.96 24.63
CA LYS B 89 -9.22 -34.16 24.38
C LYS B 89 -10.60 -34.09 25.00
N GLY B 90 -11.62 -34.39 24.20
CA GLY B 90 -12.99 -34.43 24.66
C GLY B 90 -13.73 -33.11 24.60
N ASP B 91 -13.01 -31.99 24.55
CA ASP B 91 -13.66 -30.69 24.52
C ASP B 91 -14.46 -30.51 23.23
N HIS B 92 -15.38 -29.56 23.25
CA HIS B 92 -16.30 -29.32 22.15
C HIS B 92 -16.17 -27.89 21.64
N ILE B 93 -16.36 -27.71 20.34
CA ILE B 93 -16.33 -26.41 19.71
CA ILE B 93 -16.33 -26.41 19.68
C ILE B 93 -17.62 -26.20 18.93
N ILE B 94 -18.17 -25.00 19.01
CA ILE B 94 -19.36 -24.61 18.26
C ILE B 94 -18.92 -23.63 17.18
N LEU B 95 -19.19 -23.97 15.92
CA LEU B 95 -18.84 -23.13 14.79
C LEU B 95 -20.09 -22.80 13.99
N ASN B 96 -20.01 -21.72 13.21
CA ASN B 96 -21.11 -21.38 12.33
C ASN B 96 -21.24 -22.42 11.23
N SER B 97 -22.46 -22.56 10.71
CA SER B 97 -22.74 -23.63 9.76
C SER B 97 -21.93 -23.48 8.48
N ASP B 98 -21.78 -22.27 7.99
CA ASP B 98 -21.06 -22.00 6.74
C ASP B 98 -19.67 -21.44 7.01
N VAL B 99 -18.91 -22.11 7.89
CA VAL B 99 -17.54 -21.72 8.13
C VAL B 99 -16.71 -21.97 6.88
N TYR B 100 -15.59 -21.24 6.76
CA TYR B 100 -14.68 -21.40 5.64
C TYR B 100 -14.31 -22.87 5.44
N GLY B 101 -14.14 -23.26 4.17
CA GLY B 101 -13.91 -24.66 3.86
C GLY B 101 -12.67 -25.22 4.54
N GLY B 102 -11.58 -24.44 4.59
CA GLY B 102 -10.37 -24.93 5.23
C GLY B 102 -10.56 -25.19 6.71
N THR B 103 -11.32 -24.33 7.39
CA THR B 103 -11.60 -24.54 8.80
C THR B 103 -12.48 -25.77 9.00
N TYR B 104 -13.51 -25.92 8.17
CA TYR B 104 -14.30 -27.14 8.17
C TYR B 104 -13.41 -28.36 7.94
N ARG B 105 -12.46 -28.25 7.01
CA ARG B 105 -11.56 -29.36 6.71
C ARG B 105 -10.67 -29.67 7.91
N ALA B 106 -10.09 -28.62 8.52
CA ALA B 106 -9.18 -28.83 9.64
C ALA B 106 -9.93 -29.39 10.85
N LEU B 107 -11.14 -28.90 11.11
CA LEU B 107 -11.85 -29.29 12.32
C LEU B 107 -12.51 -30.66 12.20
N THR B 108 -12.87 -31.08 10.99
CA THR B 108 -13.55 -32.36 10.80
C THR B 108 -12.65 -33.48 10.29
N LYS B 109 -11.44 -33.15 9.83
CA LYS B 109 -10.53 -34.17 9.33
C LYS B 109 -9.22 -34.27 10.10
N VAL B 110 -8.89 -33.29 10.94
CA VAL B 110 -7.65 -33.34 11.73
C VAL B 110 -7.99 -33.35 13.21
N PHE B 111 -8.70 -32.31 13.66
CA PHE B 111 -8.94 -32.14 15.09
C PHE B 111 -10.03 -33.03 15.64
N THR B 112 -10.82 -33.70 14.78
CA THR B 112 -11.70 -34.74 15.27
C THR B 112 -10.90 -35.90 15.86
N ARG B 113 -9.65 -36.06 15.45
CA ARG B 113 -8.76 -37.06 16.01
C ARG B 113 -8.01 -36.54 17.24
N PHE B 114 -7.92 -35.22 17.41
CA PHE B 114 -7.43 -34.65 18.67
C PHE B 114 -8.31 -35.06 19.84
N GLY B 115 -9.54 -35.50 19.58
CA GLY B 115 -10.55 -35.68 20.59
C GLY B 115 -11.55 -34.56 20.65
N ILE B 116 -11.29 -33.46 19.94
CA ILE B 116 -12.27 -32.38 19.82
C ILE B 116 -13.41 -32.81 18.92
N GLU B 117 -14.64 -32.66 19.42
CA GLU B 117 -15.85 -32.94 18.65
C GLU B 117 -16.47 -31.60 18.25
N VAL B 118 -16.69 -31.42 16.96
CA VAL B 118 -17.08 -30.14 16.42
C VAL B 118 -18.57 -30.15 16.10
N ASP B 119 -19.18 -28.97 16.19
CA ASP B 119 -20.60 -28.80 15.91
C ASP B 119 -20.79 -27.53 15.09
N PHE B 120 -21.51 -27.63 13.98
CA PHE B 120 -21.74 -26.50 13.09
C PHE B 120 -23.19 -26.05 13.26
N VAL B 121 -23.36 -24.77 13.57
CA VAL B 121 -24.64 -24.23 14.01
C VAL B 121 -25.01 -23.02 13.15
N ASP B 122 -26.31 -22.83 12.94
CA ASP B 122 -26.84 -21.62 12.31
C ASP B 122 -26.78 -20.50 13.35
N THR B 123 -25.60 -19.87 13.45
CA THR B 123 -25.39 -18.84 14.44
C THR B 123 -26.11 -17.54 14.14
N THR B 124 -26.73 -17.41 12.97
CA THR B 124 -27.53 -16.23 12.68
C THR B 124 -28.71 -16.09 13.64
N HIS B 125 -29.15 -17.19 14.23
CA HIS B 125 -30.14 -17.18 15.31
C HIS B 125 -29.43 -17.65 16.58
N THR B 126 -29.20 -16.71 17.51
CA THR B 126 -28.42 -17.01 18.70
C THR B 126 -29.04 -18.11 19.54
N ASP B 127 -30.35 -18.36 19.39
CA ASP B 127 -30.98 -19.45 20.13
C ASP B 127 -30.39 -20.80 19.75
N SER B 128 -30.02 -20.97 18.48
CA SER B 128 -29.40 -22.21 18.05
C SER B 128 -28.06 -22.45 18.73
N ILE B 129 -27.38 -21.37 19.14
CA ILE B 129 -26.12 -21.51 19.85
C ILE B 129 -26.37 -22.04 21.26
N VAL B 130 -27.34 -21.45 21.97
CA VAL B 130 -27.66 -21.89 23.32
C VAL B 130 -28.14 -23.33 23.30
N GLN B 131 -28.94 -23.70 22.31
CA GLN B 131 -29.48 -25.05 22.22
C GLN B 131 -28.38 -26.09 21.98
N ALA B 132 -27.26 -25.69 21.38
CA ALA B 132 -26.21 -26.64 21.02
C ALA B 132 -25.12 -26.77 22.08
N ILE B 133 -25.11 -25.91 23.10
CA ILE B 133 -24.06 -25.96 24.12
C ILE B 133 -24.16 -27.27 24.89
N ARG B 134 -23.19 -28.14 24.67
CA ARG B 134 -23.09 -29.37 25.42
C ARG B 134 -22.33 -29.14 26.72
N PRO B 135 -22.46 -30.04 27.69
CA PRO B 135 -21.62 -29.93 28.90
C PRO B 135 -20.15 -29.74 28.59
N THR B 136 -19.60 -30.56 27.70
CA THR B 136 -18.18 -30.50 27.40
C THR B 136 -17.82 -29.42 26.38
N THR B 137 -18.66 -28.40 26.19
CA THR B 137 -18.36 -27.32 25.26
C THR B 137 -17.42 -26.31 25.91
N LYS B 138 -16.40 -25.89 25.17
CA LYS B 138 -15.39 -24.98 25.70
C LYS B 138 -15.06 -23.79 24.79
N MET B 139 -15.45 -23.82 23.52
CA MET B 139 -15.06 -22.77 22.60
C MET B 139 -16.21 -22.44 21.65
N LEU B 140 -16.35 -21.15 21.32
CA LEU B 140 -17.35 -20.66 20.39
C LEU B 140 -16.62 -19.92 19.26
N PHE B 141 -16.66 -20.48 18.06
CA PHE B 141 -16.00 -19.93 16.89
C PHE B 141 -17.05 -19.47 15.90
N ILE B 142 -16.95 -18.22 15.43
CA ILE B 142 -17.94 -17.64 14.54
CA ILE B 142 -17.95 -17.62 14.55
C ILE B 142 -17.25 -16.80 13.48
N GLU B 143 -17.73 -16.92 12.24
CA GLU B 143 -17.29 -16.11 11.11
C GLU B 143 -18.42 -15.15 10.76
N THR B 144 -18.13 -13.85 10.81
CA THR B 144 -19.16 -12.87 10.45
C THR B 144 -18.55 -11.66 9.75
N PRO B 145 -18.93 -11.38 8.51
CA PRO B 145 -19.83 -12.18 7.66
C PRO B 145 -19.12 -13.42 7.14
N SER B 146 -19.85 -14.52 6.93
CA SER B 146 -19.25 -15.79 6.56
C SER B 146 -18.85 -15.78 5.08
N ASN B 147 -18.37 -16.93 4.60
CA ASN B 147 -17.97 -17.09 3.22
C ASN B 147 -18.58 -18.36 2.64
N PRO B 148 -19.14 -18.30 1.43
CA PRO B 148 -19.25 -17.11 0.58
C PRO B 148 -20.60 -16.40 0.71
N LEU B 149 -21.51 -16.84 1.57
CA LEU B 149 -22.85 -16.26 1.61
C LEU B 149 -22.97 -15.07 2.55
N LEU B 150 -21.91 -14.74 3.29
CA LEU B 150 -21.84 -13.50 4.07
C LEU B 150 -22.96 -13.40 5.12
N ARG B 151 -23.26 -14.53 5.75
CA ARG B 151 -24.24 -14.52 6.83
C ARG B 151 -23.69 -13.76 8.03
N VAL B 152 -24.55 -12.97 8.66
CA VAL B 152 -24.16 -12.08 9.75
C VAL B 152 -24.58 -12.70 11.08
N THR B 153 -23.64 -12.78 12.02
CA THR B 153 -23.87 -13.31 13.34
C THR B 153 -23.72 -12.20 14.38
N ASP B 154 -24.60 -12.20 15.38
CA ASP B 154 -24.54 -11.22 16.45
C ASP B 154 -23.31 -11.46 17.32
N ILE B 155 -22.33 -10.56 17.23
CA ILE B 155 -21.08 -10.75 17.96
C ILE B 155 -21.28 -10.49 19.45
N LYS B 156 -21.99 -9.39 19.78
CA LYS B 156 -22.20 -9.05 21.19
C LYS B 156 -22.98 -10.13 21.92
N LYS B 157 -24.04 -10.63 21.31
CA LYS B 157 -24.82 -11.70 21.94
C LYS B 157 -24.00 -12.99 22.03
N SER B 158 -23.20 -13.29 21.01
CA SER B 158 -22.36 -14.48 21.04
C SER B 158 -21.31 -14.38 22.14
N ALA B 159 -20.83 -13.18 22.45
CA ALA B 159 -19.88 -13.01 23.54
C ALA B 159 -20.56 -13.22 24.88
N GLU B 160 -21.78 -12.71 25.03
CA GLU B 160 -22.52 -12.89 26.28
C GLU B 160 -22.88 -14.36 26.49
N ILE B 161 -23.17 -15.08 25.41
CA ILE B 161 -23.46 -16.51 25.53
C ILE B 161 -22.23 -17.28 25.96
N ALA B 162 -21.08 -16.99 25.34
CA ALA B 162 -19.85 -17.67 25.71
C ALA B 162 -19.47 -17.37 27.15
N LYS B 163 -19.61 -16.11 27.57
CA LYS B 163 -19.31 -15.76 28.95
C LYS B 163 -20.26 -16.45 29.92
N GLU B 164 -21.55 -16.52 29.56
CA GLU B 164 -22.53 -17.11 30.46
C GLU B 164 -22.28 -18.59 30.67
N HIS B 165 -21.86 -19.31 29.63
CA HIS B 165 -21.62 -20.74 29.70
C HIS B 165 -20.15 -21.09 29.84
N GLY B 166 -19.30 -20.11 30.14
CA GLY B 166 -17.89 -20.36 30.34
C GLY B 166 -17.15 -20.87 29.14
N LEU B 167 -17.41 -20.30 27.96
CA LEU B 167 -16.77 -20.70 26.72
C LEU B 167 -15.79 -19.62 26.26
N ILE B 168 -14.79 -20.04 25.49
CA ILE B 168 -13.84 -19.12 24.88
C ILE B 168 -14.41 -18.68 23.54
N SER B 169 -14.72 -17.39 23.41
CA SER B 169 -15.31 -16.85 22.19
C SER B 169 -14.20 -16.42 21.24
N VAL B 170 -14.28 -16.90 20.00
CA VAL B 170 -13.33 -16.57 18.95
C VAL B 170 -14.08 -16.06 17.74
N VAL B 171 -13.59 -14.98 17.13
CA VAL B 171 -14.22 -14.38 15.97
C VAL B 171 -13.20 -14.29 14.85
N ASP B 172 -13.52 -14.90 13.71
CA ASP B 172 -12.72 -14.74 12.50
C ASP B 172 -13.12 -13.41 11.86
N ASN B 173 -12.26 -12.41 12.01
CA ASN B 173 -12.55 -11.06 11.52
C ASN B 173 -11.84 -10.77 10.21
N THR B 174 -11.67 -11.79 9.36
CA THR B 174 -10.92 -11.61 8.12
C THR B 174 -11.65 -10.68 7.17
N PHE B 175 -12.95 -10.92 6.95
CA PHE B 175 -13.68 -10.17 5.93
C PHE B 175 -13.87 -8.71 6.33
N MET B 176 -14.09 -8.44 7.62
CA MET B 176 -14.38 -7.09 8.08
C MET B 176 -13.14 -6.25 8.35
N THR B 177 -12.02 -6.89 8.72
CA THR B 177 -10.74 -6.26 9.08
C THR B 177 -10.89 -5.42 10.34
N PRO B 178 -9.79 -5.11 11.04
CA PRO B 178 -9.90 -4.26 12.23
C PRO B 178 -10.33 -2.83 11.94
N TYR B 179 -10.37 -2.43 10.66
CA TYR B 179 -10.77 -1.08 10.30
C TYR B 179 -12.27 -0.86 10.44
N TYR B 180 -13.07 -1.93 10.45
CA TYR B 180 -14.52 -1.83 10.50
C TYR B 180 -15.17 -2.59 11.63
N GLN B 181 -14.53 -3.60 12.19
CA GLN B 181 -15.17 -4.47 13.19
C GLN B 181 -14.13 -4.90 14.20
N ASN B 182 -14.37 -4.58 15.48
CA ASN B 182 -13.46 -4.90 16.57
C ASN B 182 -14.15 -5.85 17.54
N PRO B 183 -13.99 -7.15 17.35
CA PRO B 183 -14.67 -8.12 18.23
C PRO B 183 -14.24 -8.03 19.68
N LEU B 184 -12.96 -7.71 19.94
CA LEU B 184 -12.48 -7.65 21.31
C LEU B 184 -13.23 -6.60 22.12
N ASP B 185 -13.58 -5.47 21.48
CA ASP B 185 -14.35 -4.44 22.16
C ASP B 185 -15.76 -4.89 22.49
N LEU B 186 -16.27 -5.91 21.79
CA LEU B 186 -17.61 -6.42 22.02
C LEU B 186 -17.65 -7.60 22.98
N GLY B 187 -16.57 -7.84 23.71
CA GLY B 187 -16.52 -8.90 24.70
C GLY B 187 -15.94 -10.22 24.24
N ILE B 188 -15.40 -10.29 23.03
CA ILE B 188 -14.85 -11.53 22.51
C ILE B 188 -13.47 -11.75 23.10
N ASP B 189 -13.13 -13.02 23.38
CA ASP B 189 -11.83 -13.33 23.97
C ASP B 189 -10.71 -13.22 22.95
N ILE B 190 -10.85 -13.92 21.82
CA ILE B 190 -9.79 -14.02 20.82
C ILE B 190 -10.36 -13.59 19.47
N VAL B 191 -9.58 -12.79 18.74
CA VAL B 191 -9.91 -12.43 17.36
C VAL B 191 -8.75 -12.87 16.48
N LEU B 192 -9.08 -13.47 15.33
CA LEU B 192 -8.07 -13.95 14.41
C LEU B 192 -8.36 -13.43 13.01
N HIS B 193 -7.33 -13.44 12.17
CA HIS B 193 -7.43 -12.97 10.81
C HIS B 193 -6.67 -13.90 9.88
N SER B 194 -7.11 -13.94 8.63
CA SER B 194 -6.32 -14.49 7.53
C SER B 194 -5.69 -13.29 6.84
N ALA B 195 -4.51 -12.87 7.35
CA ALA B 195 -3.81 -11.71 6.83
C ALA B 195 -3.52 -11.79 5.34
N THR B 196 -3.69 -12.96 4.72
CA THR B 196 -3.55 -13.09 3.28
C THR B 196 -4.59 -12.24 2.56
N ALA B 197 -5.70 -11.94 3.21
CA ALA B 197 -6.82 -11.27 2.55
C ALA B 197 -6.61 -9.77 2.47
N TYR B 198 -6.97 -9.05 3.53
CA TYR B 198 -7.00 -7.59 3.50
C TYR B 198 -5.82 -6.94 4.19
N LEU B 199 -5.34 -7.51 5.30
CA LEU B 199 -4.26 -6.88 6.05
C LEU B 199 -3.00 -6.78 5.21
N GLY B 200 -2.61 -7.88 4.57
CA GLY B 200 -1.56 -7.83 3.56
C GLY B 200 -1.99 -6.91 2.43
N GLY B 201 -3.15 -7.21 1.84
CA GLY B 201 -3.80 -6.30 0.92
C GLY B 201 -3.28 -6.29 -0.49
N HIS B 202 -2.12 -6.92 -0.77
CA HIS B 202 -1.54 -6.90 -2.09
C HIS B 202 -1.36 -8.30 -2.68
N SER B 203 -1.95 -9.32 -2.06
CA SER B 203 -1.94 -10.68 -2.58
C SER B 203 -0.50 -11.19 -2.77
N ASP B 204 0.32 -10.98 -1.73
CA ASP B 204 1.71 -11.41 -1.79
C ASP B 204 2.23 -11.95 -0.47
N VAL B 205 1.35 -12.13 0.53
CA VAL B 205 1.75 -12.67 1.83
C VAL B 205 0.67 -13.62 2.29
N VAL B 206 1.08 -14.85 2.62
CA VAL B 206 0.19 -15.82 3.26
C VAL B 206 0.55 -15.83 4.74
N ALA B 207 -0.38 -15.34 5.57
CA ALA B 207 -0.09 -15.17 6.98
C ALA B 207 -1.38 -15.22 7.79
N GLY B 208 -1.23 -15.51 9.08
CA GLY B 208 -2.33 -15.44 10.01
C GLY B 208 -1.96 -14.58 11.20
N LEU B 209 -2.99 -13.98 11.80
CA LEU B 209 -2.79 -13.09 12.93
C LEU B 209 -3.83 -13.41 14.01
N VAL B 210 -3.44 -13.22 15.27
CA VAL B 210 -4.30 -13.46 16.41
C VAL B 210 -4.09 -12.33 17.42
N ALA B 211 -5.17 -11.87 18.04
CA ALA B 211 -5.11 -10.81 19.03
C ALA B 211 -6.06 -11.11 20.18
N THR B 212 -5.63 -10.77 21.40
CA THR B 212 -6.44 -10.99 22.59
C THR B 212 -5.95 -10.07 23.70
N SER B 213 -6.85 -9.77 24.63
CA SER B 213 -6.51 -9.02 25.83
C SER B 213 -6.35 -9.90 27.06
N ASP B 214 -6.72 -11.17 26.96
CA ASP B 214 -6.62 -12.10 28.09
C ASP B 214 -5.17 -12.51 28.28
N ASP B 215 -4.63 -12.24 29.47
CA ASP B 215 -3.24 -12.58 29.75
C ASP B 215 -3.04 -14.10 29.81
N LYS B 216 -3.99 -14.81 30.42
CA LYS B 216 -3.89 -16.26 30.53
C LYS B 216 -3.93 -16.92 29.16
N LEU B 217 -4.89 -16.54 28.32
CA LEU B 217 -5.00 -17.12 26.99
C LEU B 217 -3.82 -16.74 26.11
N ALA B 218 -3.21 -15.57 26.36
CA ALA B 218 -2.05 -15.16 25.57
C ALA B 218 -0.83 -16.01 25.89
N GLU B 219 -0.62 -16.31 27.17
CA GLU B 219 0.49 -17.18 27.56
C GLU B 219 0.29 -18.58 26.98
N ARG B 220 -0.95 -19.05 26.94
CA ARG B 220 -1.22 -20.36 26.35
C ARG B 220 -1.03 -20.34 24.85
N LEU B 221 -1.31 -19.21 24.19
CA LEU B 221 -1.11 -19.13 22.75
C LEU B 221 0.37 -18.99 22.41
N ALA B 222 1.12 -18.24 23.24
CA ALA B 222 2.56 -18.10 23.01
C ALA B 222 3.26 -19.44 23.18
N PHE B 223 2.81 -20.26 24.15
CA PHE B 223 3.40 -21.57 24.34
C PHE B 223 3.12 -22.48 23.16
N ILE B 224 1.87 -22.51 22.69
CA ILE B 224 1.52 -23.36 21.56
C ILE B 224 2.29 -22.94 20.32
N SER B 225 2.41 -21.63 20.09
CA SER B 225 3.14 -21.14 18.93
C SER B 225 4.61 -21.57 18.97
N ASN B 226 5.22 -21.54 20.16
CA ASN B 226 6.60 -21.99 20.28
C ASN B 226 6.71 -23.51 20.24
N SER B 227 5.72 -24.21 20.80
CA SER B 227 5.75 -25.66 20.84
C SER B 227 5.30 -26.31 19.54
N THR B 228 4.72 -25.55 18.62
CA THR B 228 4.34 -26.09 17.31
C THR B 228 4.97 -25.35 16.15
N GLY B 229 5.45 -24.13 16.35
CA GLY B 229 6.29 -23.47 15.36
C GLY B 229 5.65 -23.09 14.05
N GLY B 230 4.38 -22.70 14.06
CA GLY B 230 3.74 -22.21 12.87
C GLY B 230 3.94 -20.71 12.70
N ILE B 231 5.13 -20.23 13.03
CA ILE B 231 5.42 -18.81 13.09
C ILE B 231 5.51 -18.20 11.70
N LEU B 232 5.47 -16.87 11.63
CA LEU B 232 5.60 -16.14 10.38
C LEU B 232 7.04 -15.68 10.21
N GLY B 233 7.53 -15.76 8.97
CA GLY B 233 8.88 -15.36 8.66
C GLY B 233 9.06 -13.85 8.75
N PRO B 234 10.32 -13.41 8.87
CA PRO B 234 10.55 -11.96 9.01
C PRO B 234 10.22 -11.18 7.75
N GLN B 235 10.48 -11.75 6.57
CA GLN B 235 10.15 -11.06 5.32
C GLN B 235 8.64 -10.88 5.19
N ASP B 236 7.89 -11.97 5.43
CA ASP B 236 6.44 -11.86 5.37
C ASP B 236 5.89 -10.96 6.46
N SER B 237 6.53 -10.93 7.63
CA SER B 237 6.08 -10.07 8.71
C SER B 237 6.20 -8.60 8.31
N TYR B 238 7.29 -8.24 7.63
CA TYR B 238 7.48 -6.84 7.23
C TYR B 238 6.48 -6.44 6.15
N LEU B 239 6.34 -7.27 5.11
CA LEU B 239 5.37 -6.96 4.06
C LEU B 239 3.97 -6.86 4.63
N LEU B 240 3.66 -7.64 5.65
CA LEU B 240 2.37 -7.50 6.33
C LEU B 240 2.27 -6.15 7.04
N VAL B 241 3.33 -5.73 7.73
CA VAL B 241 3.36 -4.40 8.31
C VAL B 241 3.20 -3.34 7.24
N ARG B 242 3.91 -3.50 6.12
CA ARG B 242 3.88 -2.50 5.06
C ARG B 242 2.49 -2.39 4.44
N GLY B 243 1.83 -3.53 4.21
CA GLY B 243 0.52 -3.51 3.59
C GLY B 243 -0.56 -2.95 4.48
N ILE B 244 -0.44 -3.16 5.80
CA ILE B 244 -1.42 -2.64 6.74
C ILE B 244 -1.46 -1.12 6.75
N LYS B 245 -0.35 -0.47 6.36
CA LYS B 245 -0.27 0.98 6.40
C LYS B 245 -1.37 1.62 5.55
N THR B 246 -1.72 1.00 4.42
CA THR B 246 -2.73 1.53 3.51
C THR B 246 -4.08 0.85 3.69
N LEU B 247 -4.32 0.20 4.83
CA LEU B 247 -5.55 -0.57 5.02
C LEU B 247 -6.78 0.33 4.94
N GLY B 248 -6.73 1.48 5.62
CA GLY B 248 -7.90 2.34 5.66
C GLY B 248 -8.27 2.90 4.30
N LEU B 249 -7.28 3.40 3.58
CA LEU B 249 -7.54 3.94 2.24
C LEU B 249 -8.01 2.85 1.29
N ARG B 250 -7.51 1.63 1.46
CA ARG B 250 -7.91 0.53 0.58
C ARG B 250 -9.35 0.11 0.86
N MET B 251 -9.71 -0.03 2.14
CA MET B 251 -11.08 -0.43 2.47
C MET B 251 -12.09 0.65 2.10
N GLU B 252 -11.73 1.92 2.32
CA GLU B 252 -12.64 3.01 2.00
C GLU B 252 -12.90 3.10 0.51
N GLN B 253 -11.89 2.81 -0.31
CA GLN B 253 -12.09 2.74 -1.74
C GLN B 253 -12.88 1.49 -2.13
N ILE B 254 -12.61 0.37 -1.46
CA ILE B 254 -13.33 -0.86 -1.74
C ILE B 254 -14.80 -0.70 -1.38
N ASN B 255 -15.09 -0.03 -0.27
CA ASN B 255 -16.48 0.16 0.15
C ASN B 255 -17.23 1.05 -0.83
N ARG B 256 -16.59 2.10 -1.34
CA ARG B 256 -17.23 2.97 -2.31
C ARG B 256 -17.65 2.18 -3.55
N SER B 257 -16.76 1.31 -4.05
CA SER B 257 -17.12 0.49 -5.20
C SER B 257 -18.15 -0.58 -4.83
N VAL B 258 -18.15 -1.04 -3.58
CA VAL B 258 -19.11 -2.05 -3.15
C VAL B 258 -20.53 -1.50 -3.25
N ILE B 259 -20.72 -0.23 -2.91
CA ILE B 259 -22.06 0.37 -2.96
C ILE B 259 -22.58 0.39 -4.39
N GLU B 260 -21.75 0.87 -5.33
CA GLU B 260 -22.20 0.99 -6.71
C GLU B 260 -22.34 -0.38 -7.37
N ILE B 261 -21.44 -1.32 -7.02
CA ILE B 261 -21.50 -2.64 -7.64
C ILE B 261 -22.76 -3.38 -7.22
N ILE B 262 -23.17 -3.23 -5.96
CA ILE B 262 -24.39 -3.89 -5.48
C ILE B 262 -25.61 -3.32 -6.20
N LYS B 263 -25.70 -1.99 -6.30
CA LYS B 263 -26.82 -1.36 -6.99
C LYS B 263 -26.94 -1.87 -8.42
N MET B 264 -25.81 -2.07 -9.10
CA MET B 264 -25.83 -2.63 -10.45
C MET B 264 -26.34 -4.06 -10.43
N LEU B 265 -25.91 -4.86 -9.44
CA LEU B 265 -26.32 -6.26 -9.39
C LEU B 265 -27.80 -6.41 -9.07
N GLN B 266 -28.37 -5.47 -8.31
CA GLN B 266 -29.78 -5.55 -7.94
C GLN B 266 -30.71 -5.17 -9.09
N ALA B 267 -30.20 -4.48 -10.11
CA ALA B 267 -31.02 -4.01 -11.22
C ALA B 267 -30.77 -4.76 -12.52
N HIS B 268 -29.81 -5.69 -12.52
CA HIS B 268 -29.52 -6.50 -13.70
C HIS B 268 -30.49 -7.68 -13.76
N PRO B 269 -31.05 -7.97 -14.94
CA PRO B 269 -32.00 -9.07 -15.06
C PRO B 269 -31.37 -10.47 -15.11
N ALA B 270 -30.07 -10.60 -15.43
CA ALA B 270 -29.39 -11.90 -15.36
C ALA B 270 -28.90 -12.24 -13.97
N VAL B 271 -29.16 -11.38 -12.99
CA VAL B 271 -28.77 -11.61 -11.60
C VAL B 271 -30.04 -11.78 -10.78
N GLN B 272 -30.09 -12.84 -9.97
CA GLN B 272 -31.26 -13.11 -9.15
C GLN B 272 -31.07 -12.57 -7.75
N GLN B 273 -30.34 -13.29 -6.91
CA GLN B 273 -30.10 -12.90 -5.53
C GLN B 273 -28.69 -12.35 -5.37
N VAL B 274 -28.55 -11.35 -4.52
CA VAL B 274 -27.26 -10.75 -4.19
C VAL B 274 -27.07 -10.83 -2.68
N PHE B 275 -25.93 -11.36 -2.25
CA PHE B 275 -25.67 -11.58 -0.84
C PHE B 275 -24.59 -10.61 -0.36
N HIS B 276 -24.96 -9.71 0.54
CA HIS B 276 -24.05 -8.77 1.18
C HIS B 276 -24.74 -8.15 2.39
N PRO B 277 -24.01 -7.93 3.48
CA PRO B 277 -24.65 -7.37 4.69
C PRO B 277 -25.24 -5.99 4.50
N SER B 278 -24.74 -5.20 3.54
CA SER B 278 -25.24 -3.83 3.37
C SER B 278 -26.67 -3.80 2.86
N ILE B 279 -27.10 -4.85 2.16
CA ILE B 279 -28.46 -4.89 1.63
C ILE B 279 -29.45 -4.90 2.79
N GLU B 280 -30.46 -4.04 2.70
CA GLU B 280 -31.42 -3.89 3.79
C GLU B 280 -32.17 -5.18 4.08
N SER B 281 -32.52 -5.94 3.04
CA SER B 281 -33.26 -7.18 3.21
C SER B 281 -32.38 -8.32 3.70
N HIS B 282 -31.06 -8.14 3.75
CA HIS B 282 -30.17 -9.19 4.22
C HIS B 282 -30.47 -9.54 5.67
N LEU B 283 -30.46 -10.84 5.97
CA LEU B 283 -30.72 -11.28 7.33
C LEU B 283 -29.66 -10.74 8.28
N ASN B 284 -30.12 -10.21 9.41
CA ASN B 284 -29.25 -9.59 10.41
C ASN B 284 -28.51 -8.37 9.85
N HIS B 285 -29.17 -7.63 8.95
CA HIS B 285 -28.56 -6.41 8.42
C HIS B 285 -28.42 -5.36 9.51
N ASP B 286 -29.41 -5.25 10.40
CA ASP B 286 -29.31 -4.30 11.50
C ASP B 286 -28.24 -4.73 12.50
N VAL B 287 -28.03 -6.03 12.65
CA VAL B 287 -27.01 -6.52 13.57
C VAL B 287 -25.62 -6.12 13.10
N HIS B 288 -25.34 -6.32 11.80
CA HIS B 288 -24.03 -5.97 11.26
C HIS B 288 -23.77 -4.47 11.41
N MET B 289 -24.78 -3.66 11.12
CA MET B 289 -24.60 -2.21 11.15
C MET B 289 -24.38 -1.71 12.57
N ALA B 290 -24.84 -2.46 13.58
CA ALA B 290 -24.66 -2.10 14.97
C ALA B 290 -23.32 -2.55 15.53
N GLN B 291 -22.70 -3.56 14.94
CA GLN B 291 -21.41 -4.06 15.42
C GLN B 291 -20.26 -3.70 14.49
N ALA B 292 -20.51 -3.01 13.39
CA ALA B 292 -19.48 -2.61 12.46
C ALA B 292 -19.90 -1.32 11.77
N ASP B 293 -18.91 -0.47 11.49
CA ASP B 293 -19.14 0.79 10.79
C ASP B 293 -18.63 0.74 9.34
N GLY B 294 -18.66 -0.43 8.73
CA GLY B 294 -18.21 -0.57 7.36
C GLY B 294 -18.70 -1.87 6.76
N HIS B 295 -18.17 -2.18 5.59
CA HIS B 295 -18.59 -3.36 4.85
C HIS B 295 -17.40 -4.02 4.19
N THR B 296 -17.46 -5.34 4.09
CA THR B 296 -16.42 -6.11 3.41
C THR B 296 -16.55 -5.97 1.90
N GLY B 297 -15.46 -6.26 1.20
CA GLY B 297 -15.43 -6.18 -0.25
C GLY B 297 -15.79 -7.45 -0.97
N VAL B 298 -16.20 -8.49 -0.24
CA VAL B 298 -16.65 -9.74 -0.84
C VAL B 298 -18.14 -9.66 -1.08
N ILE B 299 -18.57 -9.93 -2.32
CA ILE B 299 -19.97 -9.93 -2.70
C ILE B 299 -20.29 -11.26 -3.37
N ALA B 300 -21.45 -11.82 -3.06
CA ALA B 300 -21.91 -13.07 -3.65
C ALA B 300 -23.24 -12.84 -4.34
N PHE B 301 -23.37 -13.34 -5.56
CA PHE B 301 -24.60 -13.21 -6.32
C PHE B 301 -24.80 -14.48 -7.14
N GLU B 302 -25.98 -14.59 -7.74
CA GLU B 302 -26.39 -15.78 -8.46
C GLU B 302 -26.72 -15.43 -9.90
N VAL B 303 -26.25 -16.26 -10.83
CA VAL B 303 -26.66 -16.17 -12.23
C VAL B 303 -27.56 -17.37 -12.52
N LYS B 304 -27.99 -17.50 -13.78
CA LYS B 304 -28.98 -18.52 -14.13
C LYS B 304 -28.49 -19.92 -13.80
N ASN B 305 -27.26 -20.24 -14.17
CA ASN B 305 -26.74 -21.59 -14.01
C ASN B 305 -25.22 -21.52 -13.96
N THR B 306 -24.56 -22.63 -14.31
CA THR B 306 -23.10 -22.69 -14.31
C THR B 306 -22.50 -22.25 -15.63
N GLU B 307 -23.19 -22.47 -16.75
CA GLU B 307 -22.69 -21.98 -18.04
C GLU B 307 -22.69 -20.45 -18.07
N SER B 308 -23.71 -19.83 -17.46
CA SER B 308 -23.75 -18.38 -17.40
C SER B 308 -22.63 -17.83 -16.52
N ALA B 309 -22.31 -18.53 -15.44
CA ALA B 309 -21.20 -18.10 -14.57
C ALA B 309 -19.87 -18.25 -15.27
N LYS B 310 -19.72 -19.30 -16.09
CA LYS B 310 -18.47 -19.49 -16.83
C LYS B 310 -18.29 -18.38 -17.88
N GLN B 311 -19.34 -18.08 -18.62
CA GLN B 311 -19.25 -17.06 -19.67
C GLN B 311 -19.04 -15.66 -19.08
N LEU B 312 -19.60 -15.40 -17.89
CA LEU B 312 -19.40 -14.12 -17.23
C LEU B 312 -17.92 -13.85 -16.99
N ILE B 313 -17.23 -14.82 -16.39
CA ILE B 313 -15.85 -14.63 -15.99
C ILE B 313 -14.97 -14.38 -17.20
N LYS B 314 -15.22 -15.08 -18.30
CA LYS B 314 -14.47 -14.84 -19.52
C LYS B 314 -14.80 -13.49 -20.14
N ALA B 315 -15.90 -12.86 -19.74
CA ALA B 315 -16.33 -11.59 -20.32
C ALA B 315 -15.78 -10.38 -19.58
N THR B 316 -15.25 -10.55 -18.36
CA THR B 316 -14.69 -9.43 -17.61
C THR B 316 -13.27 -9.13 -18.08
N SER B 317 -12.82 -7.91 -17.77
CA SER B 317 -11.47 -7.48 -18.11
C SER B 317 -10.62 -7.13 -16.90
N TYR B 318 -11.23 -6.73 -15.78
CA TYR B 318 -10.50 -6.33 -14.59
C TYR B 318 -10.64 -7.30 -13.44
N TYR B 319 -11.48 -8.33 -13.57
CA TYR B 319 -11.71 -9.31 -12.53
C TYR B 319 -10.83 -10.53 -12.80
N THR B 320 -9.92 -10.82 -11.87
CA THR B 320 -8.96 -11.90 -12.04
C THR B 320 -9.56 -13.20 -11.49
N LEU B 321 -9.68 -14.20 -12.36
CA LEU B 321 -10.19 -15.51 -11.97
C LEU B 321 -9.11 -16.23 -11.16
N ALA B 322 -9.24 -16.18 -9.84
CA ALA B 322 -8.26 -16.78 -8.95
C ALA B 322 -8.89 -16.95 -7.58
N GLU B 323 -8.18 -17.65 -6.71
CA GLU B 323 -8.61 -17.81 -5.33
C GLU B 323 -8.18 -16.59 -4.52
N SER B 324 -8.32 -16.69 -3.19
CA SER B 324 -8.01 -15.61 -2.26
C SER B 324 -8.93 -14.41 -2.46
N LEU B 325 -8.72 -13.35 -1.67
CA LEU B 325 -9.59 -12.18 -1.70
C LEU B 325 -8.86 -11.01 -1.06
N GLY B 326 -9.50 -9.85 -1.07
CA GLY B 326 -8.98 -8.68 -0.39
C GLY B 326 -7.78 -8.01 -1.02
N ALA B 327 -7.44 -8.37 -2.26
CA ALA B 327 -6.27 -7.81 -2.90
C ALA B 327 -6.59 -6.46 -3.55
N VAL B 328 -5.53 -5.75 -3.95
CA VAL B 328 -5.72 -4.48 -4.65
C VAL B 328 -6.39 -4.71 -6.00
N GLU B 329 -6.21 -5.90 -6.59
CA GLU B 329 -6.86 -6.26 -7.83
C GLU B 329 -8.16 -7.01 -7.53
N SER B 330 -9.17 -6.76 -8.36
CA SER B 330 -10.44 -7.44 -8.17
C SER B 330 -10.34 -8.91 -8.55
N LEU B 331 -10.99 -9.76 -7.77
CA LEU B 331 -10.94 -11.20 -7.97
C LEU B 331 -12.35 -11.76 -8.13
N ILE B 332 -12.45 -12.84 -8.89
CA ILE B 332 -13.72 -13.51 -9.16
C ILE B 332 -13.52 -15.01 -9.00
N SER B 333 -14.58 -15.71 -8.61
CA SER B 333 -14.52 -17.16 -8.43
C SER B 333 -15.93 -17.71 -8.37
N VAL B 334 -16.03 -19.02 -8.56
CA VAL B 334 -17.29 -19.75 -8.45
C VAL B 334 -17.13 -20.85 -7.41
N PRO B 335 -17.48 -20.61 -6.14
CA PRO B 335 -17.44 -21.60 -5.05
C PRO B 335 -18.06 -22.94 -5.42
N ILE B 353 -24.27 -22.85 -1.35
CA ILE B 353 -23.34 -22.95 -2.46
C ILE B 353 -23.97 -23.75 -3.59
N THR B 354 -24.12 -23.12 -4.75
CA THR B 354 -24.67 -23.77 -5.94
C THR B 354 -23.79 -23.45 -7.14
N ASP B 355 -24.18 -23.97 -8.30
CA ASP B 355 -23.41 -23.77 -9.52
C ASP B 355 -23.36 -22.29 -9.91
N GLY B 356 -24.51 -21.63 -9.88
CA GLY B 356 -24.60 -20.24 -10.29
C GLY B 356 -24.11 -19.21 -9.30
N LEU B 357 -23.61 -19.63 -8.14
CA LEU B 357 -23.16 -18.69 -7.12
C LEU B 357 -21.77 -18.18 -7.49
N VAL B 358 -21.67 -16.90 -7.79
CA VAL B 358 -20.40 -16.25 -8.11
C VAL B 358 -19.99 -15.42 -6.90
N ARG B 359 -18.69 -15.37 -6.65
CA ARG B 359 -18.14 -14.60 -5.54
C ARG B 359 -17.06 -13.67 -6.07
N ILE B 360 -17.19 -12.38 -5.76
CA ILE B 360 -16.22 -11.38 -6.21
C ILE B 360 -15.54 -10.78 -4.98
N SER B 361 -14.31 -10.32 -5.19
CA SER B 361 -13.55 -9.59 -4.17
C SER B 361 -13.21 -8.22 -4.76
N VAL B 362 -13.96 -7.21 -4.36
CA VAL B 362 -13.83 -5.88 -4.95
C VAL B 362 -12.46 -5.31 -4.60
N GLY B 363 -11.69 -4.96 -5.63
CA GLY B 363 -10.38 -4.36 -5.46
C GLY B 363 -10.46 -2.86 -5.29
N ILE B 364 -9.34 -2.20 -5.58
CA ILE B 364 -9.25 -0.75 -5.43
C ILE B 364 -9.17 -0.06 -6.80
N GLU B 365 -9.55 -0.75 -7.87
CA GLU B 365 -9.63 -0.10 -9.18
C GLU B 365 -10.71 0.97 -9.16
N ASP B 366 -10.79 1.73 -10.25
CA ASP B 366 -11.79 2.79 -10.34
C ASP B 366 -13.19 2.22 -10.23
N THR B 367 -14.04 2.90 -9.46
CA THR B 367 -15.39 2.41 -9.23
C THR B 367 -16.17 2.31 -10.53
N GLU B 368 -16.10 3.35 -11.36
CA GLU B 368 -16.81 3.33 -12.65
C GLU B 368 -16.31 2.19 -13.53
N ASP B 369 -15.01 1.91 -13.49
CA ASP B 369 -14.46 0.84 -14.31
C ASP B 369 -14.89 -0.53 -13.81
N LEU B 370 -14.97 -0.71 -12.49
CA LEU B 370 -15.37 -2.00 -11.94
C LEU B 370 -16.86 -2.26 -12.14
N VAL B 371 -17.68 -1.21 -12.08
CA VAL B 371 -19.11 -1.39 -12.29
C VAL B 371 -19.41 -1.61 -13.77
N ASP B 372 -18.79 -0.82 -14.65
CA ASP B 372 -19.04 -0.96 -16.07
C ASP B 372 -18.53 -2.29 -16.62
N ASP B 373 -17.41 -2.80 -16.08
CA ASP B 373 -16.84 -4.04 -16.59
C ASP B 373 -17.69 -5.24 -16.21
N LEU B 374 -18.23 -5.26 -14.98
CA LEU B 374 -19.09 -6.35 -14.57
C LEU B 374 -20.49 -6.22 -15.16
N LYS B 375 -20.95 -4.99 -15.40
CA LYS B 375 -22.26 -4.80 -15.99
C LYS B 375 -22.30 -5.29 -17.44
N GLN B 376 -21.30 -4.91 -18.23
CA GLN B 376 -21.24 -5.38 -19.62
C GLN B 376 -20.99 -6.89 -19.69
N ALA B 377 -20.25 -7.45 -18.73
CA ALA B 377 -20.00 -8.88 -18.73
C ALA B 377 -21.28 -9.66 -18.43
N LEU B 378 -22.06 -9.19 -17.47
CA LEU B 378 -23.35 -9.80 -17.19
C LEU B 378 -24.33 -9.66 -18.35
N ASP B 379 -24.11 -8.69 -19.23
CA ASP B 379 -25.03 -8.41 -20.32
C ASP B 379 -24.82 -9.29 -21.54
N THR B 380 -23.67 -9.98 -21.63
CA THR B 380 -23.48 -10.98 -22.68
C THR B 380 -24.12 -12.31 -22.34
N LEU B 381 -24.83 -12.40 -21.21
CA LEU B 381 -25.51 -13.63 -20.82
C LEU B 381 -26.81 -13.80 -21.59
#